data_9U8G
#
_entry.id   9U8G
#
_cell.length_a   67.616
_cell.length_b   69.827
_cell.length_c   82.192
_cell.angle_alpha   104.97
_cell.angle_beta   112.85
_cell.angle_gamma   102.10
#
_symmetry.space_group_name_H-M   'P 1'
#
loop_
_entity.id
_entity.type
_entity.pdbx_description
1 polymer 'Transmembrane protease serine 2 non-catalytic chain'
2 polymer 'Transmembrane protease serine 2 catalytic chain'
3 polymer Nanobody
4 non-polymer 'CALCIUM ION'
5 non-polymer 2-acetamido-2-deoxy-beta-D-glucopyranose
6 non-polymer GLYCEROL
7 water water
#
loop_
_entity_poly.entity_id
_entity_poly.type
_entity_poly.pdbx_seq_one_letter_code
_entity_poly.pdbx_strand_id
1 'polypeptide(L)'
;MGSKCSNSGIECDSSGTCINPSNWCDGVSHCPGGEDENRCVRLYGPNFILQVYSSQRKSWHPVCQDDWNENYGRAACRDM
GYKNNFYSSQGIVDDSGSTSFMKLNTSAGNVDIYKKLYHSDACSSKAVVSLRCIACGVNLNDDDDK
;
A,C
2 'polypeptide(L)'
;IVGGESALPGAWPWQVSLHVQNVHVCGGSIITPEWIVTAAHCVEKPLNNPWHWTAFAGILRQSFMFYGAGYQVEKVISHP
NYDSKTKNNDIALMKLQKPLTFNDLVKPVCLPNPGMMLQPEQLCWISGWGATEEKGKTSEVLNAAKVLLIETQRCNSRYV
YDNLITPAMICAGFLQGNVDSCQGDSGGPLVTSKNNIWWLIGDTSWGSGCAKAYRPGVYGNVMVFTDWIYRQMRADGEFV
EHHHHHHHH
;
B,D
3 'polypeptide(L)'
;AVQLQASGGGFVQPGGSLRLSCAASGKVVEQGLMGWFRQAPGKEREFVSAIQYDTKLEYYADSVKGRFTISRDNSKNTVY
LQMNSLRAEDTATYYCATPQMWVQRDRDDRWYWGQGTQVTVSSGSHHHHHH
;
E,F
#
# COMPACT_ATOMS: atom_id res chain seq x y z
N CYS A 5 18.00 -9.43 12.40
CA CYS A 5 17.36 -10.32 13.37
C CYS A 5 18.39 -10.99 14.25
N SER A 6 17.92 -11.58 15.35
CA SER A 6 18.78 -12.27 16.28
C SER A 6 18.53 -13.78 16.19
N ASN A 7 19.56 -14.55 16.53
CA ASN A 7 19.47 -16.01 16.61
C ASN A 7 19.01 -16.62 15.29
N SER A 8 19.65 -16.17 14.20
CA SER A 8 19.38 -16.65 12.83
C SER A 8 17.88 -16.60 12.48
N GLY A 9 17.18 -15.60 13.02
CA GLY A 9 15.82 -15.37 12.61
C GLY A 9 15.75 -14.71 11.24
N ILE A 10 14.60 -14.88 10.58
CA ILE A 10 14.40 -14.35 9.25
C ILE A 10 13.47 -13.13 9.35
N GLU A 11 13.87 -12.03 8.74
CA GLU A 11 13.04 -10.84 8.76
C GLU A 11 11.92 -10.94 7.73
N CYS A 12 10.71 -10.61 8.15
CA CYS A 12 9.56 -10.52 7.27
C CYS A 12 9.74 -9.32 6.34
N ASP A 13 10.40 -9.55 5.18
CA ASP A 13 10.78 -8.46 4.27
C ASP A 13 11.57 -7.39 5.01
N SER A 14 11.03 -6.17 5.08
CA SER A 14 11.66 -5.06 5.78
C SER A 14 10.78 -4.53 6.91
N SER A 15 9.81 -5.34 7.37
CA SER A 15 8.80 -4.88 8.31
C SER A 15 9.32 -4.69 9.72
N GLY A 16 10.51 -5.17 10.04
CA GLY A 16 10.97 -5.18 11.41
C GLY A 16 10.48 -6.34 12.23
N THR A 17 9.64 -7.20 11.67
CA THR A 17 9.17 -8.40 12.35
C THR A 17 10.07 -9.57 11.96
N CYS A 18 10.71 -10.18 12.95
CA CYS A 18 11.55 -11.34 12.76
C CYS A 18 10.85 -12.56 13.32
N ILE A 19 10.87 -13.67 12.58
CA ILE A 19 10.28 -14.90 13.08
C ILE A 19 11.32 -16.01 13.06
N ASN A 20 11.07 -17.01 13.90
CA ASN A 20 11.93 -18.19 13.95
C ASN A 20 11.92 -18.88 12.59
N PRO A 21 13.08 -19.35 12.10
CA PRO A 21 13.12 -20.00 10.78
C PRO A 21 12.24 -21.24 10.70
N SER A 22 11.95 -21.90 11.82
CA SER A 22 11.05 -23.05 11.80
C SER A 22 9.61 -22.65 11.44
N ASN A 23 9.27 -21.37 11.53
CA ASN A 23 7.96 -20.89 11.09
C ASN A 23 7.99 -20.27 9.71
N TRP A 24 9.12 -20.34 9.03
CA TRP A 24 9.19 -19.86 7.65
C TRP A 24 8.69 -20.96 6.73
N CYS A 25 7.65 -20.67 5.94
CA CYS A 25 7.07 -21.61 4.99
C CYS A 25 6.50 -22.84 5.70
N ASP A 26 5.77 -22.62 6.80
CA ASP A 26 5.19 -23.72 7.56
C ASP A 26 3.67 -23.78 7.42
N GLY A 27 3.09 -23.05 6.46
CA GLY A 27 1.67 -23.13 6.19
C GLY A 27 0.83 -22.16 6.98
N VAL A 28 1.39 -21.51 8.00
CA VAL A 28 0.69 -20.55 8.83
C VAL A 28 1.37 -19.20 8.66
N SER A 29 0.58 -18.17 8.41
N SER A 29 0.58 -18.16 8.43
CA SER A 29 1.10 -16.84 8.13
CA SER A 29 1.09 -16.82 8.14
C SER A 29 1.41 -16.13 9.45
C SER A 29 1.41 -16.11 9.45
N HIS A 30 2.70 -16.01 9.77
CA HIS A 30 3.13 -15.35 11.00
C HIS A 30 3.63 -13.93 10.79
N CYS A 31 3.95 -13.54 9.55
CA CYS A 31 4.48 -12.24 9.20
C CYS A 31 3.34 -11.24 8.95
N PRO A 32 3.59 -9.96 9.22
CA PRO A 32 2.51 -8.96 9.05
C PRO A 32 1.90 -8.95 7.66
N GLY A 33 2.72 -9.17 6.62
CA GLY A 33 2.20 -9.23 5.27
C GLY A 33 2.23 -10.62 4.66
N GLY A 34 2.37 -11.64 5.51
CA GLY A 34 2.45 -13.00 5.02
C GLY A 34 3.71 -13.33 4.27
N GLU A 35 4.78 -12.56 4.47
CA GLU A 35 6.02 -12.75 3.72
C GLU A 35 6.61 -14.15 3.94
N ASP A 36 6.33 -14.76 5.09
CA ASP A 36 6.87 -16.07 5.39
C ASP A 36 6.21 -17.20 4.61
N GLU A 37 5.10 -16.93 3.91
CA GLU A 37 4.37 -18.01 3.24
C GLU A 37 4.16 -17.78 1.74
N ASN A 38 4.74 -16.73 1.15
CA ASN A 38 4.50 -16.44 -0.26
C ASN A 38 5.77 -16.42 -1.11
N ARG A 39 6.91 -16.83 -0.57
CA ARG A 39 8.15 -16.96 -1.35
C ARG A 39 8.84 -18.27 -1.01
N CYS A 40 8.06 -19.35 -0.96
CA CYS A 40 8.57 -20.64 -0.52
C CYS A 40 9.15 -21.48 -1.66
N VAL A 41 9.06 -21.01 -2.89
CA VAL A 41 9.54 -21.76 -4.05
C VAL A 41 10.45 -20.83 -4.85
N ARG A 42 11.58 -21.36 -5.30
CA ARG A 42 12.50 -20.56 -6.10
C ARG A 42 13.21 -21.48 -7.08
N LEU A 43 13.84 -20.86 -8.07
CA LEU A 43 14.67 -21.52 -9.06
C LEU A 43 16.10 -21.05 -8.86
N TYR A 44 17.02 -21.99 -8.67
CA TYR A 44 18.38 -21.67 -8.25
C TYR A 44 19.34 -21.86 -9.41
N GLY A 45 20.19 -20.87 -9.64
CA GLY A 45 21.30 -20.98 -10.55
C GLY A 45 20.90 -20.89 -12.01
N PRO A 46 21.91 -20.83 -12.89
CA PRO A 46 21.62 -20.70 -14.33
C PRO A 46 20.97 -21.93 -14.94
N ASN A 47 20.85 -23.04 -14.20
CA ASN A 47 20.19 -24.24 -14.68
C ASN A 47 18.85 -24.51 -13.99
N PHE A 48 18.31 -23.51 -13.28
CA PHE A 48 16.92 -23.54 -12.81
C PHE A 48 16.63 -24.75 -11.91
N ILE A 49 17.50 -24.99 -10.93
CA ILE A 49 17.23 -26.07 -9.99
C ILE A 49 16.09 -25.65 -9.07
N LEU A 50 15.01 -26.42 -9.08
CA LEU A 50 13.84 -26.12 -8.27
C LEU A 50 14.16 -26.36 -6.81
N GLN A 51 13.97 -25.33 -5.98
CA GLN A 51 14.20 -25.44 -4.56
C GLN A 51 12.98 -24.95 -3.79
N VAL A 52 12.78 -25.55 -2.62
CA VAL A 52 11.66 -25.22 -1.75
C VAL A 52 12.21 -25.10 -0.33
N TYR A 53 11.76 -24.08 0.40
CA TYR A 53 12.23 -23.87 1.76
C TYR A 53 11.57 -24.86 2.71
N SER A 54 12.39 -25.60 3.44
CA SER A 54 11.91 -26.60 4.39
C SER A 54 11.81 -25.98 5.77
N SER A 55 10.61 -25.93 6.33
CA SER A 55 10.46 -25.41 7.69
C SER A 55 11.11 -26.31 8.73
N GLN A 56 11.17 -27.62 8.48
CA GLN A 56 11.78 -28.53 9.45
C GLN A 56 13.28 -28.26 9.60
N ARG A 57 14.01 -28.18 8.47
CA ARG A 57 15.45 -27.98 8.48
C ARG A 57 15.89 -26.53 8.43
N LYS A 58 14.96 -25.59 8.21
CA LYS A 58 15.27 -24.16 8.18
C LYS A 58 16.29 -23.82 7.09
N SER A 59 16.05 -24.33 5.88
CA SER A 59 16.96 -24.11 4.77
C SER A 59 16.27 -24.47 3.46
N TRP A 60 16.87 -24.01 2.37
CA TRP A 60 16.42 -24.34 1.02
C TRP A 60 16.98 -25.69 0.59
N HIS A 61 16.15 -26.45 -0.12
CA HIS A 61 16.60 -27.76 -0.61
C HIS A 61 16.04 -28.01 -1.99
N PRO A 62 16.80 -28.67 -2.86
CA PRO A 62 16.28 -29.02 -4.19
C PRO A 62 15.17 -30.06 -4.09
N VAL A 63 14.29 -30.03 -5.09
CA VAL A 63 13.13 -30.92 -5.12
C VAL A 63 13.53 -32.22 -5.82
N CYS A 64 13.29 -33.34 -5.14
N CYS A 64 13.27 -33.34 -5.17
CA CYS A 64 13.49 -34.65 -5.76
CA CYS A 64 13.57 -34.64 -5.75
C CYS A 64 12.67 -34.77 -7.03
C CYS A 64 12.62 -34.96 -6.91
N GLN A 65 13.16 -35.58 -7.97
CA GLN A 65 12.38 -35.88 -9.16
C GLN A 65 11.33 -36.96 -8.92
N ASP A 66 11.40 -37.71 -7.82
CA ASP A 66 10.47 -38.81 -7.56
C ASP A 66 9.02 -38.37 -7.71
N ASP A 67 8.29 -39.07 -8.57
CA ASP A 67 6.85 -38.89 -8.77
C ASP A 67 6.50 -37.50 -9.31
N TRP A 68 7.50 -36.68 -9.62
CA TRP A 68 7.24 -35.35 -10.11
C TRP A 68 6.79 -35.39 -11.57
N ASN A 69 5.88 -34.49 -11.93
CA ASN A 69 5.46 -34.37 -13.31
C ASN A 69 5.10 -32.92 -13.59
N GLU A 70 4.58 -32.68 -14.79
CA GLU A 70 4.28 -31.33 -15.24
C GLU A 70 3.18 -30.68 -14.41
N ASN A 71 2.21 -31.45 -13.91
CA ASN A 71 1.19 -30.87 -13.05
C ASN A 71 1.81 -30.25 -11.80
N TYR A 72 2.78 -30.94 -11.19
CA TYR A 72 3.44 -30.38 -10.03
C TYR A 72 4.30 -29.19 -10.41
N GLY A 73 4.99 -29.27 -11.55
CA GLY A 73 5.78 -28.15 -12.02
C GLY A 73 4.93 -26.91 -12.28
N ARG A 74 3.74 -27.09 -12.85
CA ARG A 74 2.86 -25.97 -13.10
C ARG A 74 2.34 -25.36 -11.80
N ALA A 75 2.12 -26.18 -10.77
CA ALA A 75 1.76 -25.65 -9.47
C ALA A 75 2.90 -24.83 -8.88
N ALA A 76 4.14 -25.29 -9.08
CA ALA A 76 5.29 -24.52 -8.59
C ALA A 76 5.40 -23.19 -9.32
N CYS A 77 5.20 -23.20 -10.64
CA CYS A 77 5.23 -21.95 -11.39
C CYS A 77 4.14 -20.99 -10.93
N ARG A 78 2.94 -21.52 -10.66
CA ARG A 78 1.87 -20.66 -10.15
C ARG A 78 2.19 -20.12 -8.76
N ASP A 79 2.85 -20.92 -7.92
CA ASP A 79 3.21 -20.41 -6.60
C ASP A 79 4.22 -19.27 -6.70
N MET A 80 5.05 -19.26 -7.74
CA MET A 80 6.00 -18.17 -7.95
C MET A 80 5.41 -16.96 -8.64
N GLY A 81 4.14 -17.00 -9.02
CA GLY A 81 3.51 -15.88 -9.66
C GLY A 81 3.44 -15.92 -11.17
N TYR A 82 3.80 -17.05 -11.79
CA TYR A 82 3.77 -17.18 -13.23
C TYR A 82 2.42 -17.59 -13.80
N LYS A 83 1.38 -17.69 -12.96
CA LYS A 83 0.00 -17.92 -13.40
C LYS A 83 -0.05 -19.20 -14.22
N ASN A 84 -0.48 -19.17 -15.47
CA ASN A 84 -0.65 -20.39 -16.27
C ASN A 84 0.57 -20.70 -17.12
N ASN A 85 1.70 -20.05 -16.87
CA ASN A 85 2.88 -20.25 -17.70
C ASN A 85 3.64 -21.50 -17.31
N PHE A 86 4.16 -22.20 -18.31
CA PHE A 86 5.03 -23.34 -18.12
C PHE A 86 5.84 -23.51 -19.40
N TYR A 87 7.14 -23.76 -19.25
CA TYR A 87 8.00 -23.94 -20.41
C TYR A 87 8.60 -25.35 -20.46
N SER A 88 9.51 -25.68 -19.57
CA SER A 88 10.27 -26.92 -19.69
C SER A 88 10.57 -27.46 -18.30
N SER A 89 10.86 -28.75 -18.23
CA SER A 89 11.33 -29.33 -16.98
C SER A 89 12.12 -30.59 -17.28
N GLN A 90 13.10 -30.85 -16.42
CA GLN A 90 14.04 -31.94 -16.59
C GLN A 90 14.48 -32.44 -15.22
N GLY A 91 14.74 -33.74 -15.12
CA GLY A 91 15.47 -34.26 -13.99
C GLY A 91 16.94 -34.21 -14.31
N ILE A 92 17.73 -33.56 -13.46
CA ILE A 92 19.15 -33.42 -13.67
C ILE A 92 19.91 -33.85 -12.44
N VAL A 93 21.22 -34.02 -12.61
CA VAL A 93 22.09 -34.29 -11.48
C VAL A 93 22.28 -33.01 -10.69
N ASP A 94 22.23 -33.13 -9.36
CA ASP A 94 22.39 -31.95 -8.52
C ASP A 94 23.86 -31.57 -8.42
N ASP A 95 24.13 -30.27 -8.51
CA ASP A 95 25.49 -29.77 -8.36
C ASP A 95 25.54 -28.52 -7.48
N SER A 96 24.50 -28.25 -6.71
CA SER A 96 24.46 -27.12 -5.78
C SER A 96 24.99 -27.48 -4.40
N GLY A 97 25.62 -28.65 -4.26
CA GLY A 97 26.22 -29.04 -2.99
C GLY A 97 25.21 -29.44 -1.92
N SER A 98 24.03 -29.90 -2.31
CA SER A 98 22.98 -30.21 -1.35
C SER A 98 23.20 -31.58 -0.73
N THR A 99 22.89 -31.69 0.57
CA THR A 99 22.98 -32.94 1.29
C THR A 99 21.64 -33.57 1.60
N SER A 100 20.53 -32.88 1.34
CA SER A 100 19.21 -33.46 1.48
C SER A 100 18.29 -32.78 0.48
N PHE A 101 17.04 -33.25 0.43
CA PHE A 101 16.13 -32.88 -0.63
C PHE A 101 14.73 -32.66 -0.05
N MET A 102 13.85 -32.12 -0.89
CA MET A 102 12.43 -32.01 -0.60
C MET A 102 11.70 -32.98 -1.53
N LYS A 103 11.01 -33.96 -0.94
CA LYS A 103 10.39 -35.06 -1.67
C LYS A 103 8.88 -34.93 -1.71
N LEU A 104 8.28 -35.43 -2.79
CA LEU A 104 6.86 -35.26 -3.02
C LEU A 104 6.05 -36.27 -2.23
N ASN A 105 5.04 -35.79 -1.50
CA ASN A 105 4.04 -36.65 -0.88
C ASN A 105 2.87 -36.78 -1.85
N THR A 106 2.76 -37.92 -2.52
CA THR A 106 1.73 -38.09 -3.55
C THR A 106 0.32 -38.02 -2.97
N SER A 107 0.13 -38.41 -1.72
CA SER A 107 -1.18 -38.39 -1.08
C SER A 107 -1.29 -37.23 -0.09
N ALA A 108 -0.74 -36.07 -0.44
CA ALA A 108 -0.62 -34.95 0.49
C ALA A 108 -1.93 -34.20 0.70
N GLY A 109 -2.85 -34.28 -0.24
CA GLY A 109 -4.06 -33.49 -0.18
C GLY A 109 -3.98 -32.26 -1.06
N ASN A 110 -4.91 -31.35 -0.83
CA ASN A 110 -5.01 -30.11 -1.62
C ASN A 110 -4.50 -28.94 -0.77
N VAL A 111 -3.18 -28.77 -0.77
CA VAL A 111 -2.51 -27.69 -0.05
C VAL A 111 -1.57 -26.95 -1.00
N ASP A 112 -0.83 -26.00 -0.43
CA ASP A 112 0.21 -25.30 -1.18
C ASP A 112 1.26 -26.30 -1.68
N ILE A 113 1.89 -25.96 -2.81
CA ILE A 113 2.86 -26.89 -3.41
C ILE A 113 4.01 -27.17 -2.46
N TYR A 114 4.45 -26.16 -1.69
CA TYR A 114 5.56 -26.39 -0.77
C TYR A 114 5.13 -27.22 0.43
N LYS A 115 3.84 -27.33 0.69
CA LYS A 115 3.35 -28.17 1.77
C LYS A 115 3.06 -29.60 1.31
N LYS A 116 3.16 -29.87 0.01
CA LYS A 116 3.14 -31.23 -0.51
C LYS A 116 4.49 -31.91 -0.48
N LEU A 117 5.53 -31.20 -0.07
CA LEU A 117 6.87 -31.76 0.00
C LEU A 117 7.29 -31.88 1.46
N TYR A 118 7.99 -32.95 1.78
CA TYR A 118 8.57 -33.17 3.09
C TYR A 118 10.07 -33.38 2.93
N HIS A 119 10.78 -33.13 4.02
CA HIS A 119 12.23 -33.27 3.98
C HIS A 119 12.63 -34.73 3.94
N SER A 120 13.59 -35.04 3.06
CA SER A 120 14.06 -36.40 2.87
C SER A 120 15.55 -36.37 2.56
N ASP A 121 16.27 -37.38 3.03
CA ASP A 121 17.72 -37.41 2.89
C ASP A 121 18.18 -38.07 1.59
N ALA A 122 17.28 -38.61 0.79
CA ALA A 122 17.68 -39.26 -0.45
C ALA A 122 16.54 -39.20 -1.47
N CYS A 123 16.92 -39.06 -2.74
N CYS A 123 16.93 -39.19 -2.74
CA CYS A 123 15.98 -39.18 -3.85
CA CYS A 123 16.00 -39.17 -3.87
C CYS A 123 16.15 -40.55 -4.50
C CYS A 123 16.14 -40.48 -4.63
N SER A 124 15.04 -41.25 -4.71
CA SER A 124 15.11 -42.56 -5.36
C SER A 124 15.54 -42.46 -6.81
N SER A 125 15.19 -41.38 -7.50
CA SER A 125 15.54 -41.20 -8.90
C SER A 125 16.96 -40.68 -9.09
N LYS A 126 17.64 -40.30 -8.01
CA LYS A 126 18.99 -39.76 -8.08
C LYS A 126 19.04 -38.49 -8.92
N ALA A 127 17.93 -37.77 -9.01
CA ALA A 127 17.82 -36.58 -9.84
C ALA A 127 16.96 -35.53 -9.13
N VAL A 128 17.23 -34.26 -9.42
CA VAL A 128 16.46 -33.16 -8.88
C VAL A 128 15.77 -32.43 -10.02
N VAL A 129 14.64 -31.79 -9.70
CA VAL A 129 13.83 -31.11 -10.70
C VAL A 129 14.50 -29.82 -11.13
N SER A 130 14.65 -29.65 -12.44
CA SER A 130 15.00 -28.38 -13.05
C SER A 130 13.75 -27.84 -13.73
N LEU A 131 13.35 -26.62 -13.39
CA LEU A 131 12.06 -26.09 -13.82
C LEU A 131 12.23 -24.72 -14.47
N ARG A 132 11.64 -24.57 -15.66
CA ARG A 132 11.54 -23.28 -16.34
C ARG A 132 10.08 -22.95 -16.57
N CYS A 133 9.63 -21.82 -16.00
CA CYS A 133 8.22 -21.45 -16.02
C CYS A 133 7.81 -20.67 -17.25
N ILE A 134 8.74 -20.12 -18.01
CA ILE A 134 8.39 -19.31 -19.17
C ILE A 134 9.55 -19.32 -20.14
N ALA A 135 9.25 -19.32 -21.43
CA ALA A 135 10.27 -19.31 -22.47
C ALA A 135 10.84 -17.90 -22.56
N CYS A 136 12.03 -17.70 -22.01
CA CYS A 136 12.59 -16.36 -21.91
C CYS A 136 14.07 -16.38 -22.27
N GLY A 137 14.60 -15.19 -22.53
CA GLY A 137 16.04 -15.03 -22.68
C GLY A 137 16.64 -15.50 -23.98
N VAL A 138 15.85 -15.54 -25.06
CA VAL A 138 16.34 -15.93 -26.38
C VAL A 138 16.16 -14.75 -27.32
N ASN A 139 17.21 -14.40 -28.05
CA ASN A 139 17.14 -13.37 -29.09
C ASN A 139 17.74 -13.92 -30.38
N LEU A 140 18.20 -13.02 -31.24
CA LEU A 140 18.86 -13.39 -32.49
C LEU A 140 20.34 -13.66 -32.26
N ILE B 1 21.17 5.78 -25.64
CA ILE B 1 22.40 5.00 -25.62
C ILE B 1 23.49 5.77 -26.36
N VAL B 2 24.59 6.03 -25.67
CA VAL B 2 25.74 6.73 -26.24
C VAL B 2 26.81 5.70 -26.60
N GLY B 3 27.33 5.80 -27.82
CA GLY B 3 28.44 4.96 -28.21
C GLY B 3 28.07 3.55 -28.62
N GLY B 4 26.81 3.30 -28.96
CA GLY B 4 26.36 2.02 -29.42
C GLY B 4 26.05 2.03 -30.91
N GLU B 5 25.21 1.07 -31.31
CA GLU B 5 24.81 0.94 -32.70
C GLU B 5 23.33 0.61 -32.75
N SER B 6 22.74 0.74 -33.94
CA SER B 6 21.34 0.44 -34.13
C SER B 6 21.08 -1.05 -33.91
N ALA B 7 19.87 -1.36 -33.44
CA ALA B 7 19.47 -2.72 -33.15
C ALA B 7 18.66 -3.27 -34.32
N LEU B 8 18.92 -4.53 -34.65
CA LEU B 8 18.14 -5.23 -35.66
C LEU B 8 16.81 -5.69 -35.06
N PRO B 9 15.81 -5.95 -35.90
CA PRO B 9 14.56 -6.54 -35.39
C PRO B 9 14.85 -7.85 -34.68
N GLY B 10 14.23 -8.01 -33.50
CA GLY B 10 14.40 -9.21 -32.71
C GLY B 10 15.69 -9.30 -31.93
N ALA B 11 16.59 -8.32 -32.05
CA ALA B 11 17.84 -8.38 -31.30
C ALA B 11 17.59 -8.25 -29.80
N TRP B 12 16.63 -7.43 -29.41
CA TRP B 12 16.30 -7.19 -28.01
C TRP B 12 14.79 -7.22 -27.88
N PRO B 13 14.19 -8.41 -27.99
CA PRO B 13 12.73 -8.50 -28.12
C PRO B 13 11.98 -8.24 -26.82
N TRP B 14 12.68 -8.12 -25.70
CA TRP B 14 12.04 -7.78 -24.43
C TRP B 14 11.93 -6.28 -24.22
N GLN B 15 12.67 -5.49 -25.01
CA GLN B 15 12.66 -4.04 -24.88
C GLN B 15 11.31 -3.46 -25.30
N VAL B 16 10.74 -2.60 -24.47
CA VAL B 16 9.53 -1.88 -24.81
C VAL B 16 9.78 -0.39 -24.64
N SER B 17 9.01 0.40 -25.40
CA SER B 17 8.99 1.86 -25.27
C SER B 17 7.73 2.24 -24.51
N LEU B 18 7.88 2.96 -23.41
CA LEU B 18 6.77 3.32 -22.55
C LEU B 18 6.42 4.78 -22.78
N HIS B 19 5.19 5.03 -23.22
CA HIS B 19 4.74 6.35 -23.64
C HIS B 19 3.78 6.96 -22.63
N VAL B 20 3.94 8.25 -22.38
CA VAL B 20 2.94 9.06 -21.68
C VAL B 20 2.27 9.93 -22.73
N GLN B 21 0.95 9.77 -22.90
CA GLN B 21 0.20 10.51 -23.91
C GLN B 21 0.88 10.40 -25.29
N ASN B 22 1.28 9.16 -25.61
N ASN B 22 1.28 9.17 -25.63
CA ASN B 22 1.87 8.78 -26.89
CA ASN B 22 1.83 8.85 -26.94
C ASN B 22 3.17 9.54 -27.19
C ASN B 22 3.19 9.51 -27.20
N VAL B 23 3.98 9.74 -26.16
CA VAL B 23 5.35 10.25 -26.31
C VAL B 23 6.25 9.38 -25.44
N HIS B 24 7.36 8.91 -26.01
CA HIS B 24 8.27 8.05 -25.27
C HIS B 24 8.79 8.76 -24.03
N VAL B 25 8.74 8.07 -22.89
CA VAL B 25 9.22 8.66 -21.64
C VAL B 25 10.22 7.72 -20.96
N CYS B 26 10.00 6.41 -21.08
CA CYS B 26 10.77 5.43 -20.33
CA CYS B 26 10.87 5.47 -20.41
C CYS B 26 10.90 4.16 -21.15
N GLY B 27 11.97 3.41 -20.92
CA GLY B 27 12.06 2.05 -21.43
C GLY B 27 11.64 1.03 -20.37
N GLY B 28 11.45 -0.21 -20.81
CA GLY B 28 11.08 -1.29 -19.91
C GLY B 28 11.45 -2.62 -20.52
N SER B 29 11.27 -3.67 -19.72
CA SER B 29 11.65 -5.03 -20.11
C SER B 29 10.50 -5.98 -19.84
N ILE B 30 10.12 -6.75 -20.87
CA ILE B 30 9.05 -7.74 -20.75
C ILE B 30 9.55 -8.95 -19.98
N ILE B 31 8.77 -9.37 -18.98
CA ILE B 31 9.07 -10.60 -18.27
C ILE B 31 7.94 -11.62 -18.34
N THR B 32 6.69 -11.22 -18.56
CA THR B 32 5.62 -12.14 -18.91
C THR B 32 4.78 -11.46 -19.99
N PRO B 33 3.79 -12.12 -20.58
CA PRO B 33 2.94 -11.42 -21.57
C PRO B 33 2.28 -10.17 -21.02
N GLU B 34 2.17 -9.99 -19.70
CA GLU B 34 1.52 -8.81 -19.17
C GLU B 34 2.36 -7.98 -18.21
N TRP B 35 3.55 -8.43 -17.81
CA TRP B 35 4.34 -7.72 -16.82
C TRP B 35 5.60 -7.14 -17.44
N ILE B 36 5.89 -5.88 -17.12
CA ILE B 36 7.04 -5.14 -17.62
C ILE B 36 7.78 -4.56 -16.43
N VAL B 37 9.11 -4.75 -16.41
CA VAL B 37 9.98 -4.15 -15.40
C VAL B 37 10.49 -2.81 -15.91
N THR B 38 10.37 -1.78 -15.09
CA THR B 38 10.86 -0.45 -15.44
C THR B 38 11.38 0.20 -14.16
N ALA B 39 11.56 1.52 -14.18
CA ALA B 39 12.15 2.24 -13.05
C ALA B 39 11.07 3.02 -12.30
N ALA B 40 11.22 3.09 -10.97
CA ALA B 40 10.29 3.86 -10.16
C ALA B 40 10.36 5.36 -10.44
N HIS B 41 11.53 5.89 -10.82
CA HIS B 41 11.57 7.32 -11.11
C HIS B 41 10.85 7.66 -12.40
N CYS B 42 10.43 6.67 -13.19
CA CYS B 42 9.56 6.92 -14.32
C CYS B 42 8.10 7.18 -13.91
N VAL B 43 7.70 6.74 -12.71
CA VAL B 43 6.27 6.66 -12.39
C VAL B 43 5.93 7.37 -11.08
N GLU B 44 6.72 8.36 -10.70
CA GLU B 44 6.32 9.22 -9.61
C GLU B 44 5.10 10.05 -10.04
N LYS B 45 4.32 10.48 -9.05
CA LYS B 45 3.14 11.28 -9.32
C LYS B 45 3.50 12.44 -10.25
N PRO B 46 2.65 12.78 -11.23
CA PRO B 46 1.34 12.19 -11.54
C PRO B 46 1.44 10.98 -12.47
N LEU B 47 2.64 10.46 -12.72
CA LEU B 47 2.84 9.33 -13.63
C LEU B 47 2.69 7.98 -12.95
N ASN B 48 2.19 7.94 -11.72
CA ASN B 48 1.77 6.69 -11.11
C ASN B 48 0.41 6.24 -11.62
N ASN B 49 -0.22 7.03 -12.49
CA ASN B 49 -1.55 6.74 -13.00
C ASN B 49 -1.44 5.88 -14.24
N PRO B 50 -1.92 4.63 -14.22
CA PRO B 50 -1.79 3.78 -15.42
C PRO B 50 -2.51 4.33 -16.64
N TRP B 51 -3.50 5.22 -16.44
CA TRP B 51 -4.23 5.81 -17.57
C TRP B 51 -3.29 6.48 -18.56
N HIS B 52 -2.17 7.04 -18.08
CA HIS B 52 -1.29 7.81 -18.96
C HIS B 52 -0.41 6.95 -19.86
N TRP B 53 -0.23 5.67 -19.54
CA TRP B 53 0.85 4.87 -20.09
C TRP B 53 0.39 3.90 -21.16
N THR B 54 1.16 3.82 -22.24
CA THR B 54 1.04 2.77 -23.24
C THR B 54 2.42 2.19 -23.50
N ALA B 55 2.46 0.89 -23.78
CA ALA B 55 3.70 0.19 -24.06
C ALA B 55 3.72 -0.25 -25.52
N PHE B 56 4.87 -0.09 -26.16
CA PHE B 56 5.06 -0.50 -27.55
C PHE B 56 6.17 -1.54 -27.61
N ALA B 57 5.82 -2.73 -28.11
CA ALA B 57 6.74 -3.85 -28.24
C ALA B 57 6.95 -4.20 -29.70
N GLY B 58 8.12 -4.77 -30.01
CA GLY B 58 8.42 -5.25 -31.34
C GLY B 58 8.56 -4.18 -32.41
N ILE B 59 8.67 -2.92 -32.02
CA ILE B 59 8.72 -1.80 -32.95
C ILE B 59 10.00 -1.01 -32.67
N LEU B 60 10.86 -0.89 -33.69
CA LEU B 60 12.17 -0.28 -33.48
C LEU B 60 12.14 1.24 -33.55
N ARG B 61 11.14 1.83 -34.19
CA ARG B 61 11.14 3.26 -34.49
C ARG B 61 10.00 3.95 -33.77
N GLN B 62 10.32 5.10 -33.16
CA GLN B 62 9.31 5.88 -32.47
C GLN B 62 8.19 6.34 -33.40
N SER B 63 8.51 6.63 -34.66
CA SER B 63 7.49 7.12 -35.59
C SER B 63 6.49 6.05 -35.98
N PHE B 64 6.81 4.77 -35.75
CA PHE B 64 5.88 3.68 -36.02
C PHE B 64 5.08 3.29 -34.79
N MET B 65 5.16 4.07 -33.72
CA MET B 65 4.43 3.80 -32.48
C MET B 65 3.19 4.70 -32.44
N PHE B 66 2.23 4.34 -33.28
CA PHE B 66 1.07 5.20 -33.48
C PHE B 66 0.10 5.08 -32.31
N TYR B 67 -0.70 6.13 -32.13
CA TYR B 67 -1.82 6.07 -31.20
C TYR B 67 -2.75 4.95 -31.63
N GLY B 68 -2.93 3.95 -30.76
CA GLY B 68 -3.71 2.77 -31.04
C GLY B 68 -2.90 1.52 -31.31
N ALA B 69 -1.64 1.66 -31.71
CA ALA B 69 -0.77 0.50 -31.88
C ALA B 69 -0.13 0.05 -30.57
N GLY B 70 -0.43 0.70 -29.44
CA GLY B 70 0.21 0.37 -28.19
C GLY B 70 -0.68 -0.34 -27.20
N TYR B 71 -0.06 -0.98 -26.21
CA TYR B 71 -0.79 -1.73 -25.19
C TYR B 71 -1.02 -0.83 -23.99
N GLN B 72 -2.30 -0.58 -23.68
CA GLN B 72 -2.65 0.22 -22.50
C GLN B 72 -2.15 -0.47 -21.24
N VAL B 73 -1.61 0.33 -20.32
CA VAL B 73 -1.17 -0.18 -19.03
C VAL B 73 -2.35 -0.18 -18.07
N GLU B 74 -2.48 -1.27 -17.31
CA GLU B 74 -3.54 -1.43 -16.31
C GLU B 74 -3.08 -1.12 -14.89
N LYS B 75 -1.87 -1.51 -14.51
CA LYS B 75 -1.38 -1.22 -13.16
C LYS B 75 0.06 -0.74 -13.21
N VAL B 76 0.37 0.17 -12.28
CA VAL B 76 1.71 0.71 -12.09
C VAL B 76 2.04 0.58 -10.62
N ILE B 77 3.09 -0.17 -10.30
CA ILE B 77 3.46 -0.45 -8.92
C ILE B 77 4.93 -0.09 -8.74
N SER B 78 5.20 0.89 -7.88
CA SER B 78 6.56 1.23 -7.52
C SER B 78 7.01 0.43 -6.31
N HIS B 79 8.32 0.21 -6.22
CA HIS B 79 8.86 -0.51 -5.09
C HIS B 79 8.45 0.20 -3.80
N PRO B 80 7.96 -0.52 -2.78
CA PRO B 80 7.45 0.16 -1.57
C PRO B 80 8.52 0.96 -0.85
N ASN B 81 9.79 0.57 -0.98
CA ASN B 81 10.89 1.26 -0.33
C ASN B 81 11.63 2.22 -1.26
N TYR B 82 11.02 2.58 -2.38
CA TYR B 82 11.67 3.54 -3.27
C TYR B 82 11.87 4.88 -2.58
N ASP B 83 13.10 5.37 -2.61
CA ASP B 83 13.42 6.71 -2.10
C ASP B 83 13.91 7.54 -3.27
N SER B 84 13.12 8.55 -3.67
CA SER B 84 13.45 9.31 -4.87
C SER B 84 14.72 10.14 -4.69
N LYS B 85 14.95 10.69 -3.50
CA LYS B 85 16.10 11.56 -3.27
C LYS B 85 17.41 10.81 -3.45
N THR B 86 17.50 9.58 -2.93
CA THR B 86 18.70 8.78 -3.04
C THR B 86 18.67 7.83 -4.23
N LYS B 87 17.55 7.78 -4.97
CA LYS B 87 17.31 6.84 -6.08
C LYS B 87 17.33 5.39 -5.62
N ASN B 88 17.24 5.13 -4.32
CA ASN B 88 17.36 3.76 -3.81
C ASN B 88 16.08 2.96 -4.08
N ASN B 89 16.25 1.68 -4.44
CA ASN B 89 15.15 0.78 -4.77
C ASN B 89 14.35 1.32 -5.95
N ASP B 90 15.07 1.68 -7.01
CA ASP B 90 14.48 2.34 -8.17
C ASP B 90 14.01 1.28 -9.16
N ILE B 91 12.88 0.66 -8.84
CA ILE B 91 12.28 -0.34 -9.71
C ILE B 91 10.77 -0.23 -9.60
N ALA B 92 10.09 -0.54 -10.70
CA ALA B 92 8.64 -0.53 -10.74
C ALA B 92 8.17 -1.60 -11.72
N LEU B 93 6.89 -1.96 -11.60
CA LEU B 93 6.26 -2.92 -12.49
C LEU B 93 5.05 -2.28 -13.17
N MET B 94 4.82 -2.64 -14.42
CA MET B 94 3.61 -2.25 -15.12
C MET B 94 2.93 -3.51 -15.61
N LYS B 95 1.63 -3.61 -15.37
CA LYS B 95 0.84 -4.72 -15.86
C LYS B 95 0.00 -4.21 -17.03
N LEU B 96 0.03 -4.94 -18.13
CA LEU B 96 -0.73 -4.56 -19.31
C LEU B 96 -2.19 -5.01 -19.19
N GLN B 97 -3.08 -4.26 -19.82
CA GLN B 97 -4.53 -4.60 -19.80
C GLN B 97 -4.77 -5.91 -20.55
N LYS B 98 -4.02 -6.15 -21.62
CA LYS B 98 -4.16 -7.41 -22.34
C LYS B 98 -2.79 -8.00 -22.63
N PRO B 99 -2.71 -9.33 -22.73
CA PRO B 99 -1.41 -9.97 -22.91
C PRO B 99 -0.77 -9.64 -24.26
N LEU B 100 0.55 -9.58 -24.26
CA LEU B 100 1.31 -9.46 -25.49
C LEU B 100 1.29 -10.79 -26.24
N THR B 101 1.50 -10.71 -27.55
CA THR B 101 1.65 -11.88 -28.38
C THR B 101 3.14 -12.06 -28.68
N PHE B 102 3.72 -13.13 -28.14
CA PHE B 102 5.13 -13.39 -28.34
C PHE B 102 5.36 -13.97 -29.74
N ASN B 103 6.43 -13.50 -30.38
CA ASN B 103 6.81 -13.95 -31.71
C ASN B 103 8.32 -13.71 -31.86
N ASP B 104 8.78 -13.57 -33.11
CA ASP B 104 10.19 -13.33 -33.35
C ASP B 104 10.64 -11.95 -32.87
N LEU B 105 9.72 -11.00 -32.76
CA LEU B 105 10.07 -9.63 -32.41
C LEU B 105 9.75 -9.27 -30.96
N VAL B 106 8.91 -10.05 -30.29
CA VAL B 106 8.44 -9.76 -28.94
C VAL B 106 8.62 -11.03 -28.12
N LYS B 107 9.54 -11.00 -27.14
CA LYS B 107 9.85 -12.13 -26.29
C LYS B 107 10.25 -11.61 -24.92
N PRO B 108 10.07 -12.38 -23.86
CA PRO B 108 10.50 -11.92 -22.53
C PRO B 108 11.97 -12.22 -22.25
N VAL B 109 12.52 -11.45 -21.31
CA VAL B 109 13.85 -11.71 -20.76
C VAL B 109 13.66 -12.45 -19.44
N CYS B 110 14.64 -13.27 -19.07
CA CYS B 110 14.51 -14.07 -17.85
C CYS B 110 14.87 -13.24 -16.64
N LEU B 111 14.05 -13.37 -15.60
CA LEU B 111 14.43 -12.86 -14.30
C LEU B 111 15.67 -13.61 -13.80
N PRO B 112 16.57 -12.94 -13.09
CA PRO B 112 17.77 -13.61 -12.60
C PRO B 112 17.43 -14.50 -11.41
N ASN B 113 18.11 -15.65 -11.35
CA ASN B 113 17.95 -16.58 -10.24
C ASN B 113 19.03 -16.32 -9.20
N PRO B 114 18.79 -16.66 -7.94
CA PRO B 114 19.90 -16.65 -6.97
C PRO B 114 21.01 -17.58 -7.43
N GLY B 115 22.24 -17.18 -7.16
CA GLY B 115 23.38 -17.98 -7.56
C GLY B 115 23.77 -17.88 -9.02
N MET B 116 23.60 -16.71 -9.65
CA MET B 116 24.05 -16.54 -11.02
C MET B 116 25.57 -16.60 -11.13
N MET B 117 26.28 -16.21 -10.07
CA MET B 117 27.75 -16.22 -10.05
C MET B 117 28.31 -15.45 -11.25
N LEU B 118 27.89 -14.19 -11.38
CA LEU B 118 28.40 -13.35 -12.44
C LEU B 118 29.83 -12.92 -12.16
N GLN B 119 30.58 -12.71 -13.23
CA GLN B 119 31.95 -12.25 -13.13
C GLN B 119 31.99 -10.82 -12.59
N PRO B 120 33.09 -10.42 -11.96
CA PRO B 120 33.18 -9.04 -11.46
C PRO B 120 33.01 -7.99 -12.55
N GLU B 121 33.52 -8.24 -13.75
CA GLU B 121 33.31 -7.34 -14.88
C GLU B 121 32.47 -8.02 -15.95
N GLN B 122 31.36 -8.63 -15.55
CA GLN B 122 30.52 -9.39 -16.47
C GLN B 122 30.14 -8.53 -17.67
N LEU B 123 30.17 -9.14 -18.85
CA LEU B 123 29.79 -8.47 -20.09
C LEU B 123 28.27 -8.36 -20.18
N CYS B 124 27.78 -7.15 -20.37
CA CYS B 124 26.36 -6.86 -20.39
C CYS B 124 26.01 -6.00 -21.60
N TRP B 125 24.71 -5.87 -21.83
CA TRP B 125 24.17 -5.03 -22.90
C TRP B 125 23.11 -4.12 -22.33
N ILE B 126 23.08 -2.89 -22.82
CA ILE B 126 21.99 -1.95 -22.55
C ILE B 126 21.34 -1.59 -23.88
N SER B 127 20.06 -1.23 -23.83
CA SER B 127 19.36 -0.81 -25.03
C SER B 127 18.34 0.25 -24.65
N GLY B 128 17.92 1.02 -25.65
CA GLY B 128 16.90 2.01 -25.42
C GLY B 128 16.88 3.05 -26.50
N TRP B 129 15.87 3.92 -26.43
CA TRP B 129 15.73 5.05 -27.33
C TRP B 129 16.26 6.34 -26.73
N GLY B 130 17.15 6.26 -25.75
CA GLY B 130 17.70 7.46 -25.15
C GLY B 130 18.61 8.21 -26.11
N ALA B 131 19.01 9.40 -25.70
CA ALA B 131 19.89 10.22 -26.52
C ALA B 131 21.21 9.50 -26.79
N THR B 132 21.76 9.73 -27.98
CA THR B 132 23.05 9.17 -28.36
C THR B 132 24.20 10.10 -28.05
N GLU B 133 23.91 11.31 -27.61
CA GLU B 133 24.92 12.25 -27.15
C GLU B 133 24.35 13.01 -25.96
N GLU B 134 25.21 13.45 -25.06
CA GLU B 134 24.75 14.26 -23.95
C GLU B 134 24.08 15.52 -24.47
N LYS B 135 23.03 15.93 -23.77
CA LYS B 135 22.14 17.03 -24.15
C LYS B 135 21.37 16.76 -25.44
N GLY B 136 21.37 15.51 -25.94
CA GLY B 136 20.72 15.20 -27.19
C GLY B 136 19.25 14.82 -27.03
N LYS B 137 18.56 14.74 -28.17
CA LYS B 137 17.14 14.43 -28.17
C LYS B 137 16.92 12.92 -28.21
N THR B 138 15.68 12.51 -27.93
CA THR B 138 15.28 11.10 -27.97
C THR B 138 15.65 10.50 -29.32
N SER B 139 16.16 9.27 -29.29
CA SER B 139 16.53 8.58 -30.51
C SER B 139 15.28 8.04 -31.21
N GLU B 140 15.20 8.28 -32.52
CA GLU B 140 14.12 7.71 -33.32
C GLU B 140 14.24 6.19 -33.38
N VAL B 141 15.46 5.66 -33.34
CA VAL B 141 15.74 4.25 -33.55
C VAL B 141 16.22 3.63 -32.24
N LEU B 142 15.82 2.38 -31.99
CA LEU B 142 16.34 1.64 -30.84
C LEU B 142 17.83 1.34 -31.02
N ASN B 143 18.63 1.74 -30.04
CA ASN B 143 20.06 1.50 -30.02
C ASN B 143 20.42 0.51 -28.91
N ALA B 144 21.66 0.02 -28.95
CA ALA B 144 22.15 -0.91 -27.95
C ALA B 144 23.67 -0.84 -27.90
N ALA B 145 24.24 -1.19 -26.75
CA ALA B 145 25.68 -1.09 -26.56
C ALA B 145 26.17 -2.11 -25.54
N LYS B 146 27.44 -2.49 -25.68
CA LYS B 146 28.11 -3.37 -24.74
C LYS B 146 28.65 -2.55 -23.57
N VAL B 147 28.33 -2.98 -22.35
CA VAL B 147 28.87 -2.38 -21.14
C VAL B 147 29.33 -3.49 -20.22
N LEU B 148 30.28 -3.18 -19.35
CA LEU B 148 30.79 -4.15 -18.40
C LEU B 148 30.34 -3.76 -17.00
N LEU B 149 30.06 -4.77 -16.18
CA LEU B 149 29.81 -4.51 -14.77
C LEU B 149 31.05 -3.89 -14.16
N ILE B 150 30.84 -2.93 -13.25
CA ILE B 150 31.90 -2.29 -12.49
C ILE B 150 31.62 -2.59 -11.02
N GLU B 151 32.57 -3.26 -10.36
CA GLU B 151 32.37 -3.66 -8.98
C GLU B 151 31.97 -2.48 -8.12
N THR B 152 31.03 -2.71 -7.20
CA THR B 152 30.50 -1.63 -6.37
C THR B 152 31.60 -1.00 -5.52
N GLN B 153 32.61 -1.78 -5.15
CA GLN B 153 33.76 -1.22 -4.44
C GLN B 153 34.43 -0.12 -5.26
N ARG B 154 34.74 -0.39 -6.52
CA ARG B 154 35.40 0.61 -7.35
C ARG B 154 34.46 1.77 -7.67
N CYS B 155 33.17 1.48 -7.88
CA CYS B 155 32.21 2.51 -8.25
C CYS B 155 31.93 3.47 -7.12
N ASN B 156 32.12 3.06 -5.86
CA ASN B 156 31.91 3.92 -4.72
C ASN B 156 33.16 4.71 -4.31
N SER B 157 34.22 4.65 -5.11
CA SER B 157 35.42 5.38 -4.74
C SER B 157 35.15 6.88 -4.74
N ARG B 158 36.02 7.62 -4.05
CA ARG B 158 35.79 9.05 -3.84
C ARG B 158 35.74 9.81 -5.15
N TYR B 159 36.42 9.34 -6.19
CA TYR B 159 36.45 10.03 -7.47
C TYR B 159 35.44 9.48 -8.47
N VAL B 160 34.52 8.62 -8.03
CA VAL B 160 33.45 8.16 -8.92
C VAL B 160 32.12 8.60 -8.31
N TYR B 161 31.49 7.74 -7.51
CA TYR B 161 30.19 8.06 -6.95
C TYR B 161 30.20 8.13 -5.44
N ASP B 162 31.35 7.91 -4.80
CA ASP B 162 31.63 8.32 -3.43
C ASP B 162 30.53 7.87 -2.46
N ASN B 163 30.43 6.55 -2.35
CA ASN B 163 29.56 5.86 -1.39
C ASN B 163 28.07 6.08 -1.66
N LEU B 164 27.69 6.42 -2.89
CA LEU B 164 26.28 6.59 -3.23
C LEU B 164 25.64 5.34 -3.82
N ILE B 165 26.44 4.30 -4.08
CA ILE B 165 25.95 3.08 -4.72
C ILE B 165 25.57 2.11 -3.61
N THR B 166 24.27 1.92 -3.40
CA THR B 166 23.77 1.04 -2.35
C THR B 166 23.73 -0.40 -2.83
N PRO B 167 23.47 -1.36 -1.93
CA PRO B 167 23.29 -2.75 -2.38
C PRO B 167 22.14 -2.96 -3.36
N ALA B 168 21.23 -2.01 -3.48
CA ALA B 168 20.15 -2.10 -4.47
C ALA B 168 20.53 -1.50 -5.82
N MET B 169 21.81 -1.17 -6.02
CA MET B 169 22.29 -0.57 -7.26
C MET B 169 23.51 -1.34 -7.75
N ILE B 170 23.70 -1.33 -9.06
CA ILE B 170 24.91 -1.86 -9.66
C ILE B 170 25.38 -0.88 -10.73
N CYS B 171 26.69 -0.79 -10.88
CA CYS B 171 27.30 0.08 -11.88
C CYS B 171 27.68 -0.73 -13.11
N ALA B 172 27.56 -0.08 -14.27
CA ALA B 172 27.95 -0.71 -15.52
C ALA B 172 28.35 0.39 -16.48
N GLY B 173 29.24 0.04 -17.41
CA GLY B 173 29.79 0.99 -18.34
C GLY B 173 31.30 0.92 -18.36
N PHE B 174 31.95 2.07 -18.46
CA PHE B 174 33.41 2.15 -18.52
C PHE B 174 33.85 3.39 -17.77
N LEU B 175 34.86 3.23 -16.91
CA LEU B 175 35.35 4.39 -16.18
C LEU B 175 35.98 5.42 -17.10
N GLN B 176 36.38 5.02 -18.30
CA GLN B 176 36.85 5.96 -19.32
C GLN B 176 35.71 6.56 -20.12
N GLY B 177 34.47 6.14 -19.88
CA GLY B 177 33.34 6.75 -20.55
C GLY B 177 33.10 6.20 -21.95
N ASN B 178 32.58 7.08 -22.81
CA ASN B 178 32.36 6.87 -24.24
C ASN B 178 31.16 5.99 -24.57
N VAL B 179 30.82 5.04 -23.71
CA VAL B 179 29.68 4.15 -23.92
C VAL B 179 28.87 4.15 -22.63
N ASP B 180 27.57 4.42 -22.75
CA ASP B 180 26.76 4.62 -21.55
C ASP B 180 25.31 4.70 -21.95
N SER B 181 24.43 4.54 -20.97
CA SER B 181 23.04 4.94 -21.12
C SER B 181 22.94 6.47 -21.00
N CYS B 182 21.79 7.00 -21.38
CA CYS B 182 21.62 8.45 -21.38
C CYS B 182 20.13 8.77 -21.23
N GLN B 183 19.85 10.07 -21.16
CA GLN B 183 18.47 10.56 -20.99
C GLN B 183 17.53 9.93 -22.01
N GLY B 184 16.45 9.32 -21.51
CA GLY B 184 15.53 8.58 -22.33
C GLY B 184 15.67 7.09 -22.24
N ASP B 185 16.78 6.59 -21.70
CA ASP B 185 16.95 5.16 -21.48
C ASP B 185 16.44 4.68 -20.13
N SER B 186 15.99 5.60 -19.27
CA SER B 186 15.53 5.24 -17.93
C SER B 186 14.56 4.05 -17.97
N GLY B 187 14.73 3.12 -17.04
CA GLY B 187 13.85 1.98 -16.93
C GLY B 187 14.16 0.81 -17.84
N GLY B 188 15.03 0.99 -18.85
CA GLY B 188 15.30 -0.05 -19.81
C GLY B 188 16.24 -1.11 -19.27
N PRO B 189 16.48 -2.13 -20.09
CA PRO B 189 17.23 -3.29 -19.62
C PRO B 189 18.74 -3.11 -19.55
N LEU B 190 19.33 -3.80 -18.58
CA LEU B 190 20.74 -4.15 -18.51
C LEU B 190 20.75 -5.66 -18.44
N VAL B 191 21.15 -6.32 -19.53
CA VAL B 191 21.01 -7.76 -19.65
C VAL B 191 22.38 -8.40 -19.79
N THR B 192 22.44 -9.69 -19.50
CA THR B 192 23.67 -10.45 -19.67
C THR B 192 23.33 -11.84 -20.16
N SER B 193 24.27 -12.46 -20.85
CA SER B 193 24.12 -13.82 -21.37
C SER B 193 24.94 -14.77 -20.52
N LYS B 194 24.29 -15.84 -20.06
CA LYS B 194 24.98 -16.89 -19.30
C LYS B 194 24.17 -18.18 -19.41
N ASN B 195 24.86 -19.29 -19.65
CA ASN B 195 24.23 -20.57 -19.96
C ASN B 195 23.30 -20.44 -21.16
N ASN B 196 23.73 -19.62 -22.13
CA ASN B 196 23.00 -19.39 -23.39
C ASN B 196 21.62 -18.80 -23.15
N ILE B 197 21.47 -18.03 -22.08
CA ILE B 197 20.21 -17.38 -21.72
C ILE B 197 20.50 -15.93 -21.39
N TRP B 198 19.59 -15.04 -21.82
CA TRP B 198 19.68 -13.62 -21.50
C TRP B 198 18.89 -13.34 -20.23
N TRP B 199 19.54 -12.70 -19.25
CA TRP B 199 19.00 -12.43 -17.94
C TRP B 199 18.90 -10.94 -17.71
N LEU B 200 17.82 -10.51 -17.06
CA LEU B 200 17.64 -9.10 -16.70
C LEU B 200 18.31 -8.86 -15.36
N ILE B 201 19.47 -8.21 -15.37
CA ILE B 201 20.16 -7.93 -14.10
C ILE B 201 20.05 -6.48 -13.66
N GLY B 202 19.63 -5.56 -14.53
CA GLY B 202 19.48 -4.18 -14.11
C GLY B 202 18.40 -3.45 -14.89
N ASP B 203 17.91 -2.37 -14.29
CA ASP B 203 17.06 -1.41 -14.99
C ASP B 203 17.72 -0.03 -14.88
N THR B 204 17.82 0.67 -16.01
CA THR B 204 18.51 1.95 -16.06
C THR B 204 17.93 2.92 -15.05
N SER B 205 18.76 3.36 -14.10
CA SER B 205 18.30 4.08 -12.94
C SER B 205 18.78 5.53 -12.89
N TRP B 206 20.09 5.77 -12.87
CA TRP B 206 20.55 7.16 -12.83
C TRP B 206 22.01 7.23 -13.29
N GLY B 207 22.51 8.46 -13.35
CA GLY B 207 23.86 8.73 -13.80
C GLY B 207 24.12 10.21 -13.65
N SER B 208 25.38 10.58 -13.89
CA SER B 208 25.79 11.99 -13.89
C SER B 208 26.39 12.28 -15.27
N GLY B 209 25.67 13.05 -16.07
CA GLY B 209 26.05 13.17 -17.46
C GLY B 209 25.86 11.84 -18.18
N CYS B 210 26.35 11.78 -19.40
CA CYS B 210 26.30 10.57 -20.20
C CYS B 210 27.67 10.29 -20.79
N ALA B 211 28.17 9.08 -20.58
CA ALA B 211 29.41 8.61 -21.19
C ALA B 211 30.62 9.45 -20.79
N LYS B 212 30.54 10.10 -19.63
CA LYS B 212 31.67 10.87 -19.12
C LYS B 212 32.57 9.96 -18.29
N ALA B 213 33.84 10.35 -18.20
CA ALA B 213 34.79 9.53 -17.47
C ALA B 213 34.49 9.54 -15.99
N TYR B 214 34.66 8.39 -15.35
CA TYR B 214 34.46 8.19 -13.91
C TYR B 214 33.04 8.53 -13.47
N ARG B 215 32.09 8.47 -14.40
CA ARG B 215 30.67 8.65 -14.12
C ARG B 215 29.89 7.61 -14.92
N PRO B 216 30.00 6.35 -14.56
CA PRO B 216 29.34 5.31 -15.34
C PRO B 216 27.85 5.27 -14.99
N GLY B 217 27.12 4.39 -15.67
CA GLY B 217 25.70 4.27 -15.43
C GLY B 217 25.41 3.45 -14.18
N VAL B 218 24.35 3.84 -13.48
CA VAL B 218 23.88 3.12 -12.30
C VAL B 218 22.51 2.55 -12.59
N TYR B 219 22.31 1.30 -12.18
CA TYR B 219 21.14 0.50 -12.54
C TYR B 219 20.56 -0.14 -11.29
N GLY B 220 19.24 -0.31 -11.29
CA GLY B 220 18.60 -1.02 -10.20
C GLY B 220 19.02 -2.48 -10.21
N ASN B 221 19.36 -3.00 -9.04
CA ASN B 221 19.88 -4.36 -8.88
C ASN B 221 18.70 -5.33 -8.88
N VAL B 222 18.33 -5.82 -10.06
CA VAL B 222 17.11 -6.61 -10.19
C VAL B 222 17.14 -7.85 -9.30
N MET B 223 18.32 -8.45 -9.14
CA MET B 223 18.44 -9.65 -8.30
C MET B 223 17.89 -9.40 -6.89
N VAL B 224 18.14 -8.21 -6.35
CA VAL B 224 17.68 -7.86 -5.01
C VAL B 224 16.15 -7.76 -4.97
N PHE B 225 15.52 -7.46 -6.11
CA PHE B 225 14.11 -7.14 -6.15
C PHE B 225 13.21 -8.31 -6.55
N THR B 226 13.77 -9.49 -6.83
CA THR B 226 12.97 -10.56 -7.44
C THR B 226 11.89 -11.06 -6.48
N ASP B 227 12.20 -11.15 -5.18
CA ASP B 227 11.18 -11.54 -4.21
C ASP B 227 9.97 -10.63 -4.29
N TRP B 228 10.21 -9.31 -4.33
CA TRP B 228 9.11 -8.36 -4.46
C TRP B 228 8.37 -8.56 -5.78
N ILE B 229 9.10 -8.82 -6.86
CA ILE B 229 8.46 -8.98 -8.16
C ILE B 229 7.53 -10.19 -8.17
N TYR B 230 8.02 -11.34 -7.68
CA TYR B 230 7.19 -12.54 -7.60
C TYR B 230 5.96 -12.30 -6.73
N ARG B 231 6.14 -11.63 -5.59
CA ARG B 231 5.00 -11.34 -4.72
C ARG B 231 3.96 -10.53 -5.47
N GLN B 232 4.38 -9.54 -6.26
CA GLN B 232 3.42 -8.74 -7.01
C GLN B 232 2.68 -9.58 -8.04
N MET B 233 3.40 -10.43 -8.78
CA MET B 233 2.74 -11.25 -9.79
C MET B 233 1.84 -12.31 -9.15
N ARG B 234 2.29 -12.90 -8.04
CA ARG B 234 1.47 -13.89 -7.33
C ARG B 234 0.18 -13.26 -6.81
N ALA B 235 0.29 -12.10 -6.19
CA ALA B 235 -0.89 -11.42 -5.65
C ALA B 235 -1.87 -11.03 -6.76
N ASP B 236 -1.35 -10.72 -7.95
CA ASP B 236 -2.24 -10.35 -9.05
C ASP B 236 -3.03 -11.54 -9.58
N GLY B 237 -2.39 -12.71 -9.64
CA GLY B 237 -3.02 -13.85 -10.30
C GLY B 237 -4.22 -14.41 -9.56
N GLU B 238 -4.19 -14.39 -8.24
CA GLU B 238 -5.31 -14.91 -7.45
C GLU B 238 -5.37 -14.23 -6.09
N CYS C 5 -10.19 20.68 -6.14
CA CYS C 5 -10.26 20.68 -7.60
C CYS C 5 -10.85 21.97 -8.14
N SER C 6 -10.66 22.19 -9.44
CA SER C 6 -11.21 23.35 -10.13
C SER C 6 -12.30 22.90 -11.10
N ASN C 7 -13.23 23.83 -11.39
CA ASN C 7 -14.30 23.63 -12.37
C ASN C 7 -15.17 22.41 -12.00
N SER C 8 -15.55 22.33 -10.73
CA SER C 8 -16.41 21.26 -10.22
C SER C 8 -15.90 19.88 -10.61
N GLY C 9 -14.57 19.73 -10.69
CA GLY C 9 -13.98 18.42 -10.90
C GLY C 9 -14.02 17.58 -9.63
N ILE C 10 -13.96 16.28 -9.82
CA ILE C 10 -14.02 15.33 -8.70
C ILE C 10 -12.62 14.81 -8.45
N GLU C 11 -12.17 14.87 -7.20
CA GLU C 11 -10.84 14.37 -6.86
C GLU C 11 -10.84 12.86 -6.71
N CYS C 12 -9.83 12.22 -7.30
CA CYS C 12 -9.58 10.81 -7.11
C CYS C 12 -9.15 10.56 -5.67
N ASP C 13 -10.12 10.33 -4.77
CA ASP C 13 -9.87 10.26 -3.34
C ASP C 13 -9.14 11.51 -2.87
N SER C 14 -7.93 11.34 -2.34
CA SER C 14 -7.10 12.46 -1.90
C SER C 14 -5.76 12.49 -2.63
N SER C 15 -5.71 11.85 -3.81
CA SER C 15 -4.46 11.65 -4.53
C SER C 15 -3.92 12.93 -5.18
N GLY C 16 -4.71 14.00 -5.21
CA GLY C 16 -4.35 15.20 -5.93
C GLY C 16 -4.68 15.20 -7.40
N THR C 17 -5.19 14.10 -7.94
CA THR C 17 -5.62 14.01 -9.33
C THR C 17 -7.12 14.30 -9.41
N CYS C 18 -7.49 15.33 -10.17
CA CYS C 18 -8.88 15.71 -10.39
C CYS C 18 -9.27 15.36 -11.83
N ILE C 19 -10.44 14.77 -12.01
CA ILE C 19 -10.93 14.47 -13.35
C ILE C 19 -12.29 15.10 -13.56
N ASN C 20 -12.64 15.27 -14.83
CA ASN C 20 -13.96 15.84 -15.20
C ASN C 20 -15.05 14.87 -14.74
N PRO C 21 -16.14 15.38 -14.18
CA PRO C 21 -17.22 14.49 -13.69
C PRO C 21 -17.80 13.60 -14.78
N SER C 22 -17.71 14.02 -16.04
CA SER C 22 -18.16 13.18 -17.15
C SER C 22 -17.34 11.91 -17.28
N ASN C 23 -16.15 11.88 -16.70
CA ASN C 23 -15.32 10.68 -16.66
C ASN C 23 -15.42 9.93 -15.34
N TRP C 24 -16.30 10.39 -14.45
CA TRP C 24 -16.58 9.67 -13.21
C TRP C 24 -17.63 8.61 -13.49
N CYS C 25 -17.31 7.34 -13.21
CA CYS C 25 -18.22 6.22 -13.42
C CYS C 25 -18.62 6.09 -14.89
N ASP C 26 -17.66 6.22 -15.78
CA ASP C 26 -17.93 6.12 -17.21
C ASP C 26 -17.36 4.84 -17.81
N GLY C 27 -16.94 3.90 -16.98
CA GLY C 27 -16.49 2.60 -17.47
C GLY C 27 -15.01 2.51 -17.77
N VAL C 28 -14.30 3.63 -17.80
CA VAL C 28 -12.87 3.65 -18.05
C VAL C 28 -12.18 4.24 -16.82
N SER C 29 -11.13 3.57 -16.36
N SER C 29 -11.13 3.57 -16.36
CA SER C 29 -10.40 4.00 -15.16
CA SER C 29 -10.43 4.01 -15.15
C SER C 29 -9.47 5.15 -15.55
C SER C 29 -9.46 5.13 -15.50
N HIS C 30 -9.77 6.35 -15.04
CA HIS C 30 -8.93 7.51 -15.27
C HIS C 30 -8.13 7.93 -14.04
N CYS C 31 -8.50 7.43 -12.83
CA CYS C 31 -7.85 7.78 -11.58
C CYS C 31 -6.66 6.87 -11.32
N PRO C 32 -5.63 7.36 -10.61
CA PRO C 32 -4.45 6.52 -10.34
C PRO C 32 -4.79 5.21 -9.64
N GLY C 33 -5.76 5.23 -8.72
CA GLY C 33 -6.18 4.01 -8.06
C GLY C 33 -7.55 3.52 -8.51
N GLY C 34 -8.04 4.00 -9.65
CA GLY C 34 -9.36 3.58 -10.11
C GLY C 34 -10.50 4.09 -9.27
N GLU C 35 -10.29 5.18 -8.51
CA GLU C 35 -11.33 5.68 -7.62
C GLU C 35 -12.58 6.11 -8.38
N ASP C 36 -12.43 6.49 -9.65
CA ASP C 36 -13.58 6.95 -10.42
C ASP C 36 -14.52 5.83 -10.84
N GLU C 37 -14.13 4.56 -10.71
CA GLU C 37 -14.93 3.47 -11.24
C GLU C 37 -15.32 2.41 -10.20
N ASN C 38 -15.01 2.60 -8.92
CA ASN C 38 -15.30 1.57 -7.93
C ASN C 38 -16.23 2.01 -6.80
N ARG C 39 -16.82 3.20 -6.89
CA ARG C 39 -17.82 3.67 -5.93
C ARG C 39 -19.01 4.28 -6.67
N CYS C 40 -19.47 3.58 -7.69
CA CYS C 40 -20.53 4.09 -8.56
C CYS C 40 -21.94 3.71 -8.09
N VAL C 41 -22.06 2.93 -7.03
CA VAL C 41 -23.35 2.47 -6.51
C VAL C 41 -23.39 2.80 -5.02
N ARG C 42 -24.51 3.34 -4.56
CA ARG C 42 -24.66 3.63 -3.14
C ARG C 42 -26.12 3.49 -2.73
N LEU C 43 -26.33 3.44 -1.42
CA LEU C 43 -27.65 3.43 -0.81
C LEU C 43 -27.82 4.72 -0.01
N TYR C 44 -28.90 5.45 -0.29
CA TYR C 44 -29.09 6.79 0.23
C TYR C 44 -30.17 6.80 1.29
N GLY C 45 -29.89 7.46 2.42
CA GLY C 45 -30.90 7.76 3.40
C GLY C 45 -31.29 6.57 4.25
N PRO C 46 -32.11 6.82 5.28
CA PRO C 46 -32.49 5.74 6.21
C PRO C 46 -33.37 4.68 5.58
N ASN C 47 -33.84 4.86 4.35
CA ASN C 47 -34.65 3.88 3.65
C ASN C 47 -33.92 3.20 2.51
N PHE C 48 -32.59 3.31 2.46
CA PHE C 48 -31.77 2.51 1.55
C PHE C 48 -32.18 2.72 0.09
N ILE C 49 -32.31 3.99 -0.32
CA ILE C 49 -32.66 4.29 -1.71
C ILE C 49 -31.45 3.98 -2.58
N LEU C 50 -31.62 3.05 -3.53
CA LEU C 50 -30.53 2.68 -4.42
C LEU C 50 -30.26 3.82 -5.41
N GLN C 51 -29.02 4.29 -5.43
CA GLN C 51 -28.61 5.36 -6.33
C GLN C 51 -27.37 4.96 -7.09
N VAL C 52 -27.24 5.49 -8.31
CA VAL C 52 -26.11 5.21 -9.18
C VAL C 52 -25.64 6.52 -9.79
N TYR C 53 -24.32 6.71 -9.84
CA TYR C 53 -23.77 7.94 -10.39
C TYR C 53 -23.86 7.92 -11.92
N SER C 54 -24.46 8.97 -12.48
CA SER C 54 -24.61 9.11 -13.92
C SER C 54 -23.45 9.95 -14.45
N SER C 55 -22.60 9.33 -15.28
CA SER C 55 -21.53 10.10 -15.92
C SER C 55 -22.10 11.13 -16.88
N GLN C 56 -23.26 10.83 -17.49
CA GLN C 56 -23.90 11.76 -18.40
C GLN C 56 -24.34 13.03 -17.70
N ARG C 57 -25.07 12.90 -16.59
CA ARG C 57 -25.60 14.06 -15.91
C ARG C 57 -24.70 14.56 -14.79
N LYS C 58 -23.64 13.82 -14.48
CA LYS C 58 -22.63 14.22 -13.50
C LYS C 58 -23.25 14.41 -12.12
N SER C 59 -24.05 13.43 -11.71
CA SER C 59 -24.74 13.50 -10.43
C SER C 59 -25.31 12.13 -10.09
N TRP C 60 -25.66 11.97 -8.82
CA TRP C 60 -26.30 10.75 -8.34
C TRP C 60 -27.80 10.80 -8.59
N HIS C 61 -28.38 9.65 -8.95
CA HIS C 61 -29.82 9.56 -9.18
C HIS C 61 -30.36 8.22 -8.70
N PRO C 62 -31.59 8.20 -8.17
CA PRO C 62 -32.18 6.93 -7.75
C PRO C 62 -32.46 6.02 -8.93
N VAL C 63 -32.43 4.72 -8.67
CA VAL C 63 -32.64 3.70 -9.70
C VAL C 63 -34.14 3.42 -9.83
N CYS C 64 -34.62 3.45 -11.06
N CYS C 64 -34.62 3.38 -11.05
CA CYS C 64 -36.01 3.10 -11.33
CA CYS C 64 -36.03 3.15 -11.31
C CYS C 64 -36.29 1.66 -10.91
C CYS C 64 -36.38 1.67 -11.14
N GLN C 65 -37.54 1.40 -10.54
CA GLN C 65 -37.97 0.03 -10.28
C GLN C 65 -38.24 -0.75 -11.56
N ASP C 66 -38.41 -0.07 -12.70
CA ASP C 66 -38.73 -0.75 -13.96
C ASP C 66 -37.75 -1.87 -14.28
N ASP C 67 -38.29 -3.07 -14.50
CA ASP C 67 -37.52 -4.24 -14.91
C ASP C 67 -36.50 -4.69 -13.86
N TRP C 68 -36.46 -4.04 -12.71
CA TRP C 68 -35.50 -4.42 -11.68
C TRP C 68 -35.96 -5.69 -10.99
N ASN C 69 -35.00 -6.54 -10.61
CA ASN C 69 -35.31 -7.77 -9.89
C ASN C 69 -34.18 -8.08 -8.92
N GLU C 70 -34.27 -9.24 -8.26
CA GLU C 70 -33.27 -9.61 -7.26
C GLU C 70 -31.90 -9.85 -7.89
N ASN C 71 -31.85 -10.34 -9.15
CA ASN C 71 -30.57 -10.55 -9.81
C ASN C 71 -29.81 -9.24 -9.93
N TYR C 72 -30.50 -8.17 -10.31
CA TYR C 72 -29.86 -6.86 -10.41
C TYR C 72 -29.50 -6.30 -9.04
N GLY C 73 -30.35 -6.51 -8.05
CA GLY C 73 -30.02 -6.07 -6.70
C GLY C 73 -28.77 -6.74 -6.17
N ARG C 74 -28.60 -8.03 -6.46
CA ARG C 74 -27.41 -8.75 -6.02
C ARG C 74 -26.17 -8.25 -6.74
N ALA C 75 -26.29 -7.88 -8.01
CA ALA C 75 -25.17 -7.28 -8.73
C ALA C 75 -24.79 -5.94 -8.12
N ALA C 76 -25.79 -5.15 -7.71
CA ALA C 76 -25.50 -3.88 -7.06
C ALA C 76 -24.82 -4.10 -5.71
N CYS C 77 -25.29 -5.08 -4.93
CA CYS C 77 -24.66 -5.40 -3.65
C CYS C 77 -23.22 -5.85 -3.85
N ARG C 78 -22.98 -6.67 -4.87
CA ARG C 78 -21.62 -7.13 -5.15
C ARG C 78 -20.73 -5.97 -5.57
N ASP C 79 -21.28 -4.99 -6.28
CA ASP C 79 -20.49 -3.83 -6.69
C ASP C 79 -20.09 -2.97 -5.50
N MET C 80 -20.91 -2.95 -4.44
CA MET C 80 -20.58 -2.19 -3.25
C MET C 80 -19.66 -2.93 -2.31
N GLY C 81 -19.31 -4.18 -2.63
CA GLY C 81 -18.42 -4.95 -1.79
C GLY C 81 -19.08 -5.91 -0.83
N TYR C 82 -20.40 -6.10 -0.93
CA TYR C 82 -21.10 -7.03 -0.06
C TYR C 82 -21.06 -8.45 -0.57
N LYS C 83 -20.37 -8.69 -1.68
CA LYS C 83 -20.15 -10.02 -2.24
C LYS C 83 -21.47 -10.76 -2.43
N ASN C 84 -21.64 -11.90 -1.76
CA ASN C 84 -22.80 -12.74 -1.99
C ASN C 84 -23.95 -12.42 -1.03
N ASN C 85 -23.88 -11.31 -0.31
CA ASN C 85 -24.93 -10.95 0.63
C ASN C 85 -26.09 -10.24 -0.08
N PHE C 86 -27.30 -10.56 0.37
CA PHE C 86 -28.51 -9.89 -0.08
C PHE C 86 -29.56 -10.12 0.99
N TYR C 87 -30.29 -9.06 1.33
CA TYR C 87 -31.34 -9.16 2.35
C TYR C 87 -32.72 -8.90 1.76
N SER C 88 -33.03 -7.67 1.37
CA SER C 88 -34.38 -7.30 0.98
C SER C 88 -34.30 -6.28 -0.14
N SER C 89 -35.37 -6.21 -0.92
CA SER C 89 -35.50 -5.17 -1.93
C SER C 89 -36.96 -4.98 -2.28
N GLN C 90 -37.34 -3.72 -2.54
CA GLN C 90 -38.72 -3.40 -2.90
C GLN C 90 -38.75 -2.06 -3.61
N GLY C 91 -39.79 -1.86 -4.40
CA GLY C 91 -40.05 -0.55 -4.98
C GLY C 91 -40.85 0.30 -4.02
N ILE C 92 -40.38 1.52 -3.78
CA ILE C 92 -41.09 2.46 -2.92
C ILE C 92 -41.25 3.78 -3.68
N VAL C 93 -42.09 4.65 -3.15
CA VAL C 93 -42.29 5.98 -3.74
C VAL C 93 -41.09 6.88 -3.46
N SER C 98 -39.78 15.84 -7.93
CA SER C 98 -38.58 16.67 -7.98
C SER C 98 -37.31 15.83 -8.16
N THR C 99 -37.39 14.80 -9.00
CA THR C 99 -36.26 13.91 -9.21
C THR C 99 -36.24 13.43 -10.65
N SER C 100 -35.05 12.97 -11.08
CA SER C 100 -34.85 12.18 -12.28
C SER C 100 -34.31 10.81 -11.84
N PHE C 101 -34.08 9.92 -12.81
CA PHE C 101 -33.83 8.53 -12.45
C PHE C 101 -32.74 7.92 -13.31
N MET C 102 -32.27 6.74 -12.88
CA MET C 102 -31.40 5.87 -13.66
C MET C 102 -32.22 4.64 -14.02
N LYS C 103 -32.40 4.39 -15.31
CA LYS C 103 -33.27 3.34 -15.82
C LYS C 103 -32.46 2.19 -16.39
N LEU C 104 -33.02 0.99 -16.27
CA LEU C 104 -32.33 -0.24 -16.64
C LEU C 104 -32.45 -0.48 -18.14
N ASN C 105 -31.32 -0.79 -18.79
CA ASN C 105 -31.29 -1.23 -20.18
C ASN C 105 -31.28 -2.75 -20.18
N THR C 106 -32.41 -3.37 -20.54
CA THR C 106 -32.53 -4.81 -20.48
C THR C 106 -31.58 -5.50 -21.45
N SER C 107 -31.26 -4.84 -22.56
CA SER C 107 -30.36 -5.39 -23.58
C SER C 107 -28.99 -4.73 -23.52
N ALA C 108 -28.49 -4.47 -22.31
CA ALA C 108 -27.27 -3.68 -22.14
C ALA C 108 -25.99 -4.46 -22.42
N GLY C 109 -26.03 -5.77 -22.31
CA GLY C 109 -24.84 -6.56 -22.47
C GLY C 109 -24.22 -6.90 -21.13
N ASN C 110 -22.96 -7.31 -21.18
CA ASN C 110 -22.22 -7.70 -19.97
C ASN C 110 -21.24 -6.57 -19.64
N VAL C 111 -21.72 -5.57 -18.91
CA VAL C 111 -20.89 -4.47 -18.46
C VAL C 111 -21.06 -4.30 -16.96
N ASP C 112 -20.44 -3.27 -16.38
CA ASP C 112 -20.66 -2.95 -14.98
C ASP C 112 -22.14 -2.66 -14.73
N ILE C 113 -22.59 -2.96 -13.51
CA ILE C 113 -24.00 -2.77 -13.19
C ILE C 113 -24.40 -1.31 -13.34
N TYR C 114 -23.48 -0.38 -13.00
CA TYR C 114 -23.79 1.03 -13.15
C TYR C 114 -23.80 1.47 -14.61
N LYS C 115 -23.20 0.69 -15.51
CA LYS C 115 -23.23 0.99 -16.93
C LYS C 115 -24.37 0.31 -17.67
N LYS C 116 -25.14 -0.54 -16.99
CA LYS C 116 -26.39 -1.02 -17.57
C LYS C 116 -27.54 -0.07 -17.34
N LEU C 117 -27.29 1.04 -16.66
CA LEU C 117 -28.30 2.06 -16.39
C LEU C 117 -28.00 3.31 -17.20
N TYR C 118 -29.05 3.94 -17.70
CA TYR C 118 -28.94 5.23 -18.37
C TYR C 118 -29.88 6.21 -17.69
N HIS C 119 -29.61 7.50 -17.87
CA HIS C 119 -30.44 8.51 -17.25
C HIS C 119 -31.78 8.61 -17.96
N SER C 120 -32.85 8.74 -17.17
CA SER C 120 -34.20 8.85 -17.70
C SER C 120 -35.00 9.79 -16.81
N ASP C 121 -35.86 10.59 -17.43
CA ASP C 121 -36.65 11.59 -16.72
C ASP C 121 -37.95 11.04 -16.17
N ALA C 122 -38.27 9.78 -16.43
CA ALA C 122 -39.52 9.23 -15.96
C ALA C 122 -39.36 7.74 -15.71
N CYS C 123 -39.80 7.29 -14.52
N CYS C 123 -39.93 7.29 -14.59
CA CYS C 123 -39.96 5.87 -14.25
CA CYS C 123 -39.95 5.89 -14.22
C CYS C 123 -41.38 5.48 -14.63
C CYS C 123 -41.37 5.37 -14.46
N SER C 124 -41.52 4.39 -15.36
CA SER C 124 -42.84 3.90 -15.70
C SER C 124 -43.60 3.41 -14.47
N SER C 125 -42.88 2.90 -13.47
CA SER C 125 -43.49 2.39 -12.25
C SER C 125 -43.72 3.47 -11.19
N LYS C 126 -43.22 4.69 -11.39
CA LYS C 126 -43.28 5.74 -10.38
C LYS C 126 -42.58 5.33 -9.08
N ALA C 127 -41.62 4.42 -9.13
CA ALA C 127 -41.02 3.91 -7.91
C ALA C 127 -39.52 3.74 -8.09
N VAL C 128 -38.80 3.86 -6.98
CA VAL C 128 -37.35 3.70 -6.96
C VAL C 128 -37.00 2.48 -6.13
N VAL C 129 -35.87 1.87 -6.48
CA VAL C 129 -35.44 0.64 -5.80
C VAL C 129 -34.92 0.98 -4.41
N SER C 130 -35.43 0.28 -3.41
CA SER C 130 -34.85 0.28 -2.07
C SER C 130 -34.15 -1.06 -1.89
N LEU C 131 -32.87 -1.03 -1.55
CA LEU C 131 -32.05 -2.23 -1.52
C LEU C 131 -31.33 -2.35 -0.19
N ARG C 132 -31.46 -3.51 0.45
CA ARG C 132 -30.68 -3.84 1.64
C ARG C 132 -29.87 -5.09 1.35
N CYS C 133 -28.54 -4.97 1.43
CA CYS C 133 -27.63 -6.04 1.06
C CYS C 133 -27.34 -7.00 2.20
N ILE C 134 -27.67 -6.63 3.43
CA ILE C 134 -27.37 -7.47 4.59
C ILE C 134 -28.34 -7.13 5.69
N ALA C 135 -28.75 -8.15 6.44
CA ALA C 135 -29.66 -7.98 7.57
C ALA C 135 -28.87 -7.43 8.74
N CYS C 136 -29.02 -6.13 9.01
CA CYS C 136 -28.20 -5.46 10.00
C CYS C 136 -29.05 -4.51 10.83
N GLY C 137 -28.49 -4.08 11.96
CA GLY C 137 -29.11 -3.04 12.75
C GLY C 137 -30.28 -3.50 13.59
N VAL C 138 -30.33 -4.77 13.95
CA VAL C 138 -31.38 -5.32 14.80
C VAL C 138 -30.73 -5.85 16.08
N ASN C 139 -31.27 -5.46 17.23
CA ASN C 139 -30.82 -5.99 18.51
C ASN C 139 -32.06 -6.50 19.26
N LEU C 140 -31.96 -6.55 20.58
CA LEU C 140 -33.09 -6.96 21.42
C LEU C 140 -34.02 -5.79 21.72
N ILE D 1 -16.22 1.84 29.64
CA ILE D 1 -17.41 2.68 29.65
C ILE D 1 -17.66 3.19 31.05
N VAL D 2 -17.67 4.52 31.21
CA VAL D 2 -17.91 5.16 32.50
C VAL D 2 -19.35 5.66 32.55
N GLY D 3 -20.04 5.35 33.64
CA GLY D 3 -21.38 5.86 33.85
C GLY D 3 -22.48 5.14 33.11
N GLY D 4 -22.24 3.92 32.65
CA GLY D 4 -23.24 3.11 32.01
C GLY D 4 -23.70 1.95 32.86
N GLU D 5 -24.23 0.93 32.20
CA GLU D 5 -24.72 -0.26 32.89
C GLU D 5 -24.29 -1.49 32.11
N SER D 6 -24.39 -2.64 32.78
CA SER D 6 -24.01 -3.89 32.15
C SER D 6 -24.99 -4.24 31.04
N ALA D 7 -24.48 -4.94 30.02
CA ALA D 7 -25.25 -5.25 28.83
C ALA D 7 -25.86 -6.64 28.92
N LEU D 8 -27.11 -6.76 28.49
CA LEU D 8 -27.77 -8.04 28.38
C LEU D 8 -27.31 -8.79 27.14
N PRO D 9 -27.45 -10.11 27.12
CA PRO D 9 -27.17 -10.85 25.88
C PRO D 9 -28.01 -10.33 24.72
N GLY D 10 -27.36 -10.15 23.57
CA GLY D 10 -28.05 -9.69 22.37
C GLY D 10 -28.36 -8.22 22.33
N ALA D 11 -28.03 -7.45 23.37
CA ALA D 11 -28.30 -6.02 23.33
C ALA D 11 -27.43 -5.33 22.27
N TRP D 12 -26.19 -5.78 22.11
CA TRP D 12 -25.25 -5.18 21.17
C TRP D 12 -24.54 -6.30 20.42
N PRO D 13 -25.25 -6.97 19.51
CA PRO D 13 -24.72 -8.20 18.90
C PRO D 13 -23.60 -7.95 17.89
N TRP D 14 -23.34 -6.70 17.54
CA TRP D 14 -22.23 -6.38 16.64
C TRP D 14 -20.93 -6.14 17.39
N GLN D 15 -21.00 -5.95 18.70
CA GLN D 15 -19.82 -5.69 19.50
C GLN D 15 -18.92 -6.92 19.55
N VAL D 16 -17.63 -6.74 19.27
CA VAL D 16 -16.66 -7.82 19.43
C VAL D 16 -15.54 -7.35 20.34
N SER D 17 -14.90 -8.31 21.00
CA SER D 17 -13.71 -8.07 21.80
C SER D 17 -12.52 -8.57 20.99
N LEU D 18 -11.58 -7.68 20.73
CA LEU D 18 -10.43 -7.99 19.90
C LEU D 18 -9.22 -8.22 20.80
N HIS D 19 -8.66 -9.43 20.73
CA HIS D 19 -7.61 -9.88 21.63
C HIS D 19 -6.27 -9.96 20.90
N VAL D 20 -5.22 -9.50 21.57
CA VAL D 20 -3.85 -9.77 21.18
C VAL D 20 -3.29 -10.82 22.14
N GLN D 21 -2.87 -11.96 21.59
CA GLN D 21 -2.36 -13.07 22.39
C GLN D 21 -3.33 -13.42 23.53
N ASN D 22 -4.61 -13.52 23.15
N ASN D 22 -4.61 -13.52 23.18
CA ASN D 22 -5.72 -13.90 24.04
CA ASN D 22 -5.66 -13.95 24.09
C ASN D 22 -5.85 -12.95 25.23
C ASN D 22 -5.92 -12.95 25.22
N VAL D 23 -5.67 -11.66 24.99
CA VAL D 23 -5.97 -10.61 25.97
C VAL D 23 -6.68 -9.47 25.25
N HIS D 24 -7.79 -9.00 25.83
CA HIS D 24 -8.55 -7.92 25.22
C HIS D 24 -7.69 -6.66 25.08
N VAL D 25 -7.72 -6.06 23.89
CA VAL D 25 -6.94 -4.85 23.63
C VAL D 25 -7.85 -3.76 23.04
N CYS D 26 -8.81 -4.17 22.22
CA CYS D 26 -9.61 -3.23 21.43
CA CYS D 26 -9.65 -3.19 21.55
C CYS D 26 -11.01 -3.81 21.27
N GLY D 27 -11.99 -2.94 21.12
CA GLY D 27 -13.32 -3.33 20.69
C GLY D 27 -13.46 -3.14 19.19
N GLY D 28 -14.53 -3.70 18.65
CA GLY D 28 -14.80 -3.57 17.23
C GLY D 28 -16.26 -3.81 16.96
N SER D 29 -16.65 -3.61 15.70
CA SER D 29 -18.05 -3.71 15.27
C SER D 29 -18.15 -4.58 14.02
N ILE D 30 -19.03 -5.57 14.07
CA ILE D 30 -19.28 -6.47 12.95
C ILE D 30 -20.11 -5.74 11.90
N ILE D 31 -19.68 -5.81 10.63
CA ILE D 31 -20.49 -5.24 9.56
C ILE D 31 -20.84 -6.30 8.52
N THR D 32 -20.02 -7.35 8.39
CA THR D 32 -20.41 -8.51 7.60
C THR D 32 -19.97 -9.76 8.37
N PRO D 33 -20.30 -10.98 7.93
CA PRO D 33 -19.80 -12.17 8.65
C PRO D 33 -18.28 -12.22 8.78
N GLU D 34 -17.53 -11.48 7.98
CA GLU D 34 -16.08 -11.55 8.08
C GLU D 34 -15.38 -10.20 8.26
N TRP D 35 -16.08 -9.07 8.21
CA TRP D 35 -15.46 -7.76 8.29
C TRP D 35 -15.83 -7.06 9.59
N ILE D 36 -14.83 -6.47 10.24
CA ILE D 36 -14.98 -5.80 11.53
C ILE D 36 -14.39 -4.40 11.42
N VAL D 37 -15.14 -3.41 11.85
CA VAL D 37 -14.65 -2.03 11.94
C VAL D 37 -14.04 -1.80 13.31
N THR D 38 -12.83 -1.26 13.33
CA THR D 38 -12.15 -0.94 14.58
C THR D 38 -11.32 0.33 14.36
N ALA D 39 -10.36 0.60 15.24
CA ALA D 39 -9.58 1.83 15.19
C ALA D 39 -8.17 1.55 14.68
N ALA D 40 -7.63 2.51 13.91
CA ALA D 40 -6.26 2.37 13.43
C ALA D 40 -5.24 2.42 14.57
N HIS D 41 -5.53 3.16 15.64
CA HIS D 41 -4.55 3.21 16.72
C HIS D 41 -4.48 1.90 17.50
N CYS D 42 -5.40 0.96 17.25
CA CYS D 42 -5.29 -0.39 17.82
C CYS D 42 -4.27 -1.25 17.10
N VAL D 43 -3.93 -0.91 15.86
CA VAL D 43 -3.20 -1.83 14.98
C VAL D 43 -1.94 -1.21 14.40
N GLU D 44 -1.35 -0.24 15.08
CA GLU D 44 -0.02 0.19 14.70
C GLU D 44 0.99 -0.90 14.98
N LYS D 45 2.11 -0.90 14.24
CA LYS D 45 3.15 -1.89 14.45
C LYS D 45 3.51 -1.99 15.92
N PRO D 46 3.76 -3.19 16.44
CA PRO D 46 3.76 -4.49 15.75
C PRO D 46 2.37 -5.13 15.68
N LEU D 47 1.32 -4.39 16.05
CA LEU D 47 -0.03 -4.93 16.07
C LEU D 47 -0.74 -4.80 14.72
N ASN D 48 -0.01 -4.46 13.66
CA ASN D 48 -0.52 -4.55 12.30
C ASN D 48 -0.50 -5.98 11.78
N ASN D 49 0.02 -6.91 12.58
CA ASN D 49 0.16 -8.31 12.20
C ASN D 49 -1.12 -9.06 12.55
N PRO D 50 -1.89 -9.57 11.58
CA PRO D 50 -3.13 -10.29 11.91
C PRO D 50 -2.90 -11.55 12.73
N TRP D 51 -1.70 -12.16 12.66
CA TRP D 51 -1.42 -13.34 13.45
C TRP D 51 -1.72 -13.14 14.93
N HIS D 52 -1.56 -11.92 15.44
CA HIS D 52 -1.74 -11.67 16.88
C HIS D 52 -3.19 -11.60 17.30
N TRP D 53 -4.13 -11.39 16.37
CA TRP D 53 -5.47 -10.96 16.73
C TRP D 53 -6.50 -12.09 16.63
N THR D 54 -7.37 -12.16 17.64
CA THR D 54 -8.55 -13.00 17.62
C THR D 54 -9.75 -12.15 18.04
N ALA D 55 -10.91 -12.45 17.46
CA ALA D 55 -12.14 -11.73 17.74
C ALA D 55 -13.11 -12.64 18.48
N PHE D 56 -13.78 -12.09 19.50
CA PHE D 56 -14.79 -12.81 20.26
C PHE D 56 -16.13 -12.10 20.10
N ALA D 57 -17.12 -12.81 19.58
CA ALA D 57 -18.45 -12.29 19.36
C ALA D 57 -19.46 -13.06 20.20
N GLY D 58 -20.54 -12.38 20.57
CA GLY D 58 -21.64 -13.00 21.30
C GLY D 58 -21.34 -13.41 22.72
N ILE D 59 -20.22 -12.96 23.27
CA ILE D 59 -19.78 -13.34 24.61
C ILE D 59 -19.59 -12.06 25.42
N LEU D 60 -20.34 -11.94 26.52
CA LEU D 60 -20.36 -10.72 27.30
C LEU D 60 -19.20 -10.61 28.30
N ARG D 61 -18.58 -11.73 28.66
CA ARG D 61 -17.60 -11.76 29.75
C ARG D 61 -16.22 -12.14 29.25
N GLN D 62 -15.20 -11.38 29.69
CA GLN D 62 -13.82 -11.66 29.28
C GLN D 62 -13.37 -13.05 29.70
N SER D 63 -13.83 -13.53 30.87
CA SER D 63 -13.36 -14.83 31.36
C SER D 63 -13.90 -15.99 30.53
N PHE D 64 -14.95 -15.79 29.73
CA PHE D 64 -15.46 -16.81 28.86
C PHE D 64 -14.87 -16.76 27.45
N MET D 65 -13.84 -15.95 27.24
CA MET D 65 -13.19 -15.82 25.93
C MET D 65 -11.90 -16.65 25.93
N PHE D 66 -12.08 -17.96 25.89
CA PHE D 66 -10.96 -18.88 26.07
C PHE D 66 -10.12 -18.99 24.80
N TYR D 67 -8.89 -19.46 24.98
CA TYR D 67 -8.03 -19.82 23.86
C TYR D 67 -8.71 -20.89 23.01
N GLY D 68 -8.96 -20.56 21.74
CA GLY D 68 -9.63 -21.44 20.82
C GLY D 68 -11.08 -21.09 20.55
N ALA D 69 -11.73 -20.35 21.45
CA ALA D 69 -13.11 -19.92 21.22
C ALA D 69 -13.21 -18.66 20.37
N GLY D 70 -12.09 -18.11 19.92
CA GLY D 70 -12.13 -16.87 19.15
C GLY D 70 -11.85 -17.08 17.68
N TYR D 71 -12.22 -16.10 16.86
CA TYR D 71 -12.04 -16.17 15.42
C TYR D 71 -10.71 -15.54 15.05
N GLN D 72 -9.82 -16.33 14.44
CA GLN D 72 -8.54 -15.81 13.99
C GLN D 72 -8.75 -14.73 12.93
N VAL D 73 -7.98 -13.66 13.04
CA VAL D 73 -8.00 -12.57 12.06
C VAL D 73 -7.05 -12.91 10.93
N GLU D 74 -7.53 -12.67 9.70
CA GLU D 74 -6.81 -12.89 8.45
C GLU D 74 -6.18 -11.62 7.89
N LYS D 75 -6.87 -10.48 7.96
CA LYS D 75 -6.35 -9.25 7.38
C LYS D 75 -6.54 -8.10 8.35
N VAL D 76 -5.57 -7.19 8.36
CA VAL D 76 -5.64 -5.97 9.15
C VAL D 76 -5.28 -4.81 8.24
N ILE D 77 -6.21 -3.88 8.04
CA ILE D 77 -6.02 -2.78 7.11
C ILE D 77 -6.32 -1.48 7.84
N SER D 78 -5.31 -0.63 7.99
CA SER D 78 -5.49 0.71 8.53
C SER D 78 -5.81 1.69 7.41
N HIS D 79 -6.54 2.74 7.76
CA HIS D 79 -6.85 3.77 6.78
C HIS D 79 -5.55 4.33 6.21
N PRO D 80 -5.42 4.44 4.89
CA PRO D 80 -4.14 4.88 4.31
C PRO D 80 -3.71 6.26 4.75
N ASN D 81 -4.65 7.13 5.13
CA ASN D 81 -4.33 8.48 5.58
C ASN D 81 -4.33 8.59 7.11
N TYR D 82 -4.27 7.48 7.82
CA TYR D 82 -4.18 7.53 9.27
C TYR D 82 -2.92 8.26 9.68
N ASP D 83 -3.08 9.28 10.52
CA ASP D 83 -1.95 10.02 11.07
C ASP D 83 -1.94 9.77 12.57
N SER D 84 -0.91 9.07 13.05
CA SER D 84 -0.91 8.64 14.45
C SER D 84 -0.79 9.82 15.40
N LYS D 85 0.01 10.83 15.05
CA LYS D 85 0.22 11.95 15.96
C LYS D 85 -1.07 12.71 16.22
N THR D 86 -1.87 12.93 15.18
CA THR D 86 -3.12 13.67 15.34
C THR D 86 -4.33 12.77 15.52
N LYS D 87 -4.18 11.46 15.42
CA LYS D 87 -5.30 10.51 15.45
C LYS D 87 -6.27 10.74 14.30
N ASN D 88 -5.84 11.44 13.25
CA ASN D 88 -6.73 11.71 12.13
C ASN D 88 -6.93 10.46 11.29
N ASN D 89 -8.17 10.27 10.83
CA ASN D 89 -8.55 9.10 10.04
C ASN D 89 -8.29 7.81 10.81
N ASP D 90 -8.78 7.77 12.06
CA ASP D 90 -8.51 6.68 12.98
C ASP D 90 -9.56 5.58 12.79
N ILE D 91 -9.39 4.81 11.72
CA ILE D 91 -10.25 3.68 11.45
C ILE D 91 -9.40 2.58 10.82
N ALA D 92 -9.79 1.34 11.09
CA ALA D 92 -9.13 0.17 10.53
C ALA D 92 -10.18 -0.90 10.33
N LEU D 93 -9.84 -1.89 9.51
CA LEU D 93 -10.71 -3.02 9.24
C LEU D 93 -9.96 -4.30 9.54
N MET D 94 -10.68 -5.30 10.07
CA MET D 94 -10.15 -6.63 10.24
C MET D 94 -11.05 -7.60 9.49
N LYS D 95 -10.44 -8.49 8.72
CA LYS D 95 -11.17 -9.57 8.07
C LYS D 95 -10.87 -10.87 8.80
N LEU D 96 -11.92 -11.62 9.13
CA LEU D 96 -11.76 -12.87 9.82
C LEU D 96 -11.40 -13.98 8.84
N GLN D 97 -10.67 -14.98 9.34
CA GLN D 97 -10.25 -16.13 8.50
C GLN D 97 -11.47 -16.96 8.10
N LYS D 98 -12.46 -17.05 8.99
CA LYS D 98 -13.66 -17.75 8.59
C LYS D 98 -14.87 -16.96 9.07
N PRO D 99 -15.99 -17.05 8.34
CA PRO D 99 -17.15 -16.21 8.64
C PRO D 99 -17.80 -16.55 9.97
N LEU D 100 -18.39 -15.51 10.58
CA LEU D 100 -19.19 -15.67 11.78
C LEU D 100 -20.54 -16.29 11.44
N THR D 101 -21.14 -16.92 12.43
CA THR D 101 -22.50 -17.45 12.34
C THR D 101 -23.43 -16.47 13.07
N PHE D 102 -24.31 -15.82 12.31
CA PHE D 102 -25.24 -14.89 12.90
C PHE D 102 -26.38 -15.63 13.59
N ASN D 103 -26.78 -15.12 14.75
CA ASN D 103 -27.88 -15.69 15.54
C ASN D 103 -28.45 -14.57 16.39
N ASP D 104 -29.08 -14.91 17.52
CA ASP D 104 -29.65 -13.91 18.40
C ASP D 104 -28.59 -13.06 19.07
N LEU D 105 -27.38 -13.60 19.23
CA LEU D 105 -26.33 -12.93 20.00
C LEU D 105 -25.27 -12.26 19.13
N VAL D 106 -25.19 -12.62 17.85
CA VAL D 106 -24.18 -12.11 16.94
C VAL D 106 -24.89 -11.67 15.67
N LYS D 107 -24.90 -10.37 15.42
CA LYS D 107 -25.54 -9.75 14.26
C LYS D 107 -24.70 -8.53 13.87
N PRO D 108 -24.73 -8.13 12.60
CA PRO D 108 -23.98 -6.94 12.20
C PRO D 108 -24.76 -5.66 12.46
N VAL D 109 -24.00 -4.56 12.54
CA VAL D 109 -24.57 -3.21 12.57
C VAL D 109 -24.46 -2.64 11.16
N CYS D 110 -25.38 -1.75 10.81
CA CYS D 110 -25.42 -1.21 9.46
C CYS D 110 -24.43 -0.07 9.27
N LEU D 111 -23.72 -0.09 8.14
CA LEU D 111 -22.94 1.07 7.79
C LEU D 111 -23.87 2.25 7.53
N PRO D 112 -23.45 3.47 7.85
CA PRO D 112 -24.31 4.64 7.65
C PRO D 112 -24.38 5.00 6.18
N ASN D 113 -25.56 5.46 5.75
CA ASN D 113 -25.78 5.92 4.40
C ASN D 113 -25.60 7.43 4.32
N PRO D 114 -25.27 7.96 3.14
CA PRO D 114 -25.37 9.41 2.96
C PRO D 114 -26.79 9.87 3.17
N GLY D 115 -26.94 11.05 3.77
CA GLY D 115 -28.27 11.58 4.00
C GLY D 115 -28.99 11.00 5.20
N MET D 116 -28.26 10.62 6.25
CA MET D 116 -28.93 10.13 7.45
C MET D 116 -29.72 11.23 8.14
N MET D 117 -29.29 12.48 7.97
CA MET D 117 -29.96 13.64 8.57
C MET D 117 -30.10 13.49 10.07
N LEU D 118 -28.97 13.25 10.72
CA LEU D 118 -28.98 13.07 12.16
C LEU D 118 -29.17 14.41 12.85
N GLN D 119 -29.78 14.38 14.03
CA GLN D 119 -29.97 15.60 14.80
C GLN D 119 -28.63 16.12 15.29
N PRO D 120 -28.53 17.42 15.57
CA PRO D 120 -27.26 17.96 16.10
C PRO D 120 -26.82 17.29 17.39
N GLU D 121 -27.75 16.91 18.26
CA GLU D 121 -27.41 16.18 19.47
C GLU D 121 -28.04 14.79 19.44
N GLN D 122 -27.85 14.09 18.33
CA GLN D 122 -28.46 12.78 18.11
C GLN D 122 -28.18 11.83 19.27
N LEU D 123 -29.20 11.07 19.65
CA LEU D 123 -29.09 10.10 20.74
C LEU D 123 -28.31 8.89 20.25
N CYS D 124 -27.24 8.54 20.95
CA CYS D 124 -26.34 7.46 20.56
C CYS D 124 -26.04 6.56 21.75
N TRP D 125 -25.41 5.42 21.46
CA TRP D 125 -24.96 4.47 22.46
C TRP D 125 -23.52 4.07 22.17
N ILE D 126 -22.73 3.91 23.22
CA ILE D 126 -21.40 3.35 23.15
C ILE D 126 -21.37 2.07 23.98
N SER D 127 -20.48 1.14 23.61
CA SER D 127 -20.35 -0.09 24.38
C SER D 127 -18.90 -0.56 24.35
N GLY D 128 -18.54 -1.39 25.32
CA GLY D 128 -17.20 -1.94 25.37
C GLY D 128 -16.86 -2.48 26.73
N TRP D 129 -15.69 -3.11 26.80
CA TRP D 129 -15.11 -3.63 28.04
C TRP D 129 -14.10 -2.68 28.66
N GLY D 130 -14.17 -1.40 28.34
CA GLY D 130 -13.23 -0.45 28.89
C GLY D 130 -13.43 -0.21 30.37
N ALA D 131 -12.50 0.52 30.97
CA ALA D 131 -12.58 0.82 32.39
C ALA D 131 -13.85 1.60 32.69
N THR D 132 -14.43 1.34 33.87
CA THR D 132 -15.62 2.04 34.33
C THR D 132 -15.29 3.25 35.20
N GLU D 133 -14.02 3.46 35.52
CA GLU D 133 -13.53 4.68 36.16
C GLU D 133 -12.14 4.98 35.59
N GLU D 134 -11.77 6.24 35.60
CA GLU D 134 -10.44 6.63 35.15
C GLU D 134 -9.39 5.91 35.99
N LYS D 135 -8.30 5.51 35.34
CA LYS D 135 -7.21 4.72 35.90
C LYS D 135 -7.64 3.30 36.29
N GLY D 136 -8.84 2.86 35.87
CA GLY D 136 -9.35 1.55 36.23
C GLY D 136 -8.94 0.46 35.25
N LYS D 137 -9.17 -0.77 35.65
CA LYS D 137 -8.79 -1.93 34.84
C LYS D 137 -9.89 -2.29 33.85
N THR D 138 -9.54 -3.14 32.89
CA THR D 138 -10.51 -3.64 31.91
C THR D 138 -11.71 -4.25 32.62
N SER D 139 -12.90 -3.95 32.09
CA SER D 139 -14.13 -4.48 32.66
C SER D 139 -14.32 -5.93 32.26
N GLU D 140 -14.65 -6.77 33.24
CA GLU D 140 -14.97 -8.15 32.96
C GLU D 140 -16.24 -8.28 32.12
N VAL D 141 -17.17 -7.36 32.30
CA VAL D 141 -18.50 -7.43 31.72
C VAL D 141 -18.64 -6.37 30.62
N LEU D 142 -19.35 -6.71 29.54
CA LEU D 142 -19.66 -5.71 28.52
C LEU D 142 -20.61 -4.67 29.09
N ASN D 143 -20.21 -3.40 29.00
CA ASN D 143 -21.04 -2.28 29.43
C ASN D 143 -21.49 -1.44 28.24
N ALA D 144 -22.44 -0.55 28.51
CA ALA D 144 -22.96 0.34 27.48
C ALA D 144 -23.54 1.57 28.16
N ALA D 145 -23.54 2.68 27.43
CA ALA D 145 -24.00 3.94 27.99
C ALA D 145 -24.60 4.81 26.89
N LYS D 146 -25.53 5.66 27.30
CA LYS D 146 -26.18 6.62 26.43
C LYS D 146 -25.35 7.88 26.33
N VAL D 147 -25.05 8.31 25.10
CA VAL D 147 -24.31 9.54 24.85
C VAL D 147 -25.00 10.31 23.74
N LEU D 148 -24.81 11.62 23.74
CA LEU D 148 -25.37 12.50 22.73
C LEU D 148 -24.26 13.04 21.85
N LEU D 149 -24.54 13.20 20.56
CA LEU D 149 -23.61 13.87 19.68
C LEU D 149 -23.39 15.30 20.14
N ILE D 150 -22.15 15.77 20.01
CA ILE D 150 -21.78 17.14 20.32
C ILE D 150 -21.26 17.76 19.04
N GLU D 151 -21.92 18.83 18.58
CA GLU D 151 -21.55 19.49 17.33
C GLU D 151 -20.07 19.82 17.32
N THR D 152 -19.44 19.60 16.16
CA THR D 152 -18.01 19.81 16.01
C THR D 152 -17.62 21.26 16.28
N GLN D 153 -18.52 22.19 15.96
CA GLN D 153 -18.30 23.61 16.26
C GLN D 153 -18.13 23.83 17.76
N ARG D 154 -19.03 23.26 18.57
CA ARG D 154 -18.91 23.40 20.01
C ARG D 154 -17.73 22.61 20.55
N CYS D 155 -17.44 21.44 19.96
CA CYS D 155 -16.36 20.61 20.45
C CYS D 155 -14.99 21.22 20.16
N ASN D 156 -14.90 22.09 19.16
CA ASN D 156 -13.65 22.76 18.81
C ASN D 156 -13.46 24.09 19.54
N SER D 157 -14.36 24.43 20.47
CA SER D 157 -14.21 25.69 21.20
C SER D 157 -12.96 25.67 22.07
N ARG D 158 -12.53 26.87 22.47
CA ARG D 158 -11.26 27.00 23.19
C ARG D 158 -11.27 26.24 24.52
N TYR D 159 -12.45 26.07 25.12
CA TYR D 159 -12.56 25.42 26.43
C TYR D 159 -12.89 23.94 26.33
N VAL D 160 -12.85 23.36 25.12
CA VAL D 160 -13.04 21.93 24.96
C VAL D 160 -11.80 21.32 24.32
N TYR D 161 -11.77 21.26 22.98
CA TYR D 161 -10.65 20.64 22.28
C TYR D 161 -9.92 21.58 21.32
N ASP D 162 -10.36 22.83 21.19
CA ASP D 162 -9.57 23.92 20.61
C ASP D 162 -8.99 23.53 19.24
N ASN D 163 -9.91 23.33 18.29
CA ASN D 163 -9.61 23.11 16.88
C ASN D 163 -8.88 21.79 16.60
N LEU D 164 -8.99 20.80 17.48
CA LEU D 164 -8.35 19.51 17.27
C LEU D 164 -9.27 18.50 16.57
N ILE D 165 -10.54 18.84 16.37
CA ILE D 165 -11.53 17.92 15.80
C ILE D 165 -11.63 18.18 14.30
N THR D 166 -11.10 17.25 13.51
CA THR D 166 -11.11 17.36 12.06
C THR D 166 -12.43 16.85 11.50
N PRO D 167 -12.69 17.06 10.20
CA PRO D 167 -13.91 16.49 9.60
C PRO D 167 -13.99 14.97 9.69
N ALA D 168 -12.89 14.28 9.97
CA ALA D 168 -12.90 12.83 10.13
C ALA D 168 -13.18 12.41 11.56
N MET D 169 -13.61 13.34 12.42
CA MET D 169 -13.90 13.04 13.81
C MET D 169 -15.27 13.61 14.18
N ILE D 170 -15.91 12.97 15.15
CA ILE D 170 -17.12 13.50 15.76
C ILE D 170 -17.01 13.32 17.26
N CYS D 171 -17.57 14.27 18.00
CA CYS D 171 -17.58 14.22 19.45
C CYS D 171 -18.93 13.69 19.93
N ALA D 172 -18.89 12.96 21.03
CA ALA D 172 -20.11 12.42 21.62
C ALA D 172 -19.89 12.27 23.12
N GLY D 173 -20.98 12.36 23.88
CA GLY D 173 -20.92 12.33 25.32
C GLY D 173 -21.65 13.50 25.96
N PHE D 174 -21.08 14.04 27.03
CA PHE D 174 -21.71 15.15 27.75
C PHE D 174 -20.62 16.13 28.19
N LEU D 175 -20.87 17.42 27.99
CA LEU D 175 -19.91 18.42 28.39
C LEU D 175 -19.74 18.51 29.90
N GLN D 176 -20.70 18.03 30.70
CA GLN D 176 -20.48 17.96 32.13
C GLN D 176 -19.79 16.67 32.54
N GLY D 177 -19.51 15.76 31.59
CA GLY D 177 -18.78 14.56 31.90
C GLY D 177 -19.70 13.47 32.44
N ASN D 178 -19.12 12.65 33.32
CA ASN D 178 -19.80 11.61 34.09
C ASN D 178 -20.12 10.37 33.26
N VAL D 179 -20.36 10.54 31.95
CA VAL D 179 -20.63 9.42 31.05
C VAL D 179 -19.74 9.56 29.82
N ASP D 180 -18.98 8.51 29.51
CA ASP D 180 -17.95 8.60 28.49
C ASP D 180 -17.43 7.19 28.21
N SER D 181 -16.75 7.04 27.08
CA SER D 181 -15.88 5.88 26.87
C SER D 181 -14.58 6.08 27.64
N CYS D 182 -13.81 5.00 27.76
CA CYS D 182 -12.59 5.05 28.56
C CYS D 182 -11.61 4.01 28.04
N GLN D 183 -10.44 3.95 28.68
CA GLN D 183 -9.36 3.05 28.29
C GLN D 183 -9.87 1.61 28.18
N GLY D 184 -9.62 1.00 27.02
CA GLY D 184 -10.13 -0.32 26.71
C GLY D 184 -11.32 -0.34 25.78
N ASP D 185 -11.97 0.81 25.57
CA ASP D 185 -13.09 0.90 24.64
C ASP D 185 -12.66 1.25 23.23
N SER D 186 -11.37 1.53 23.01
CA SER D 186 -10.86 1.92 21.70
C SER D 186 -11.37 0.99 20.61
N GLY D 187 -11.77 1.58 19.48
CA GLY D 187 -12.22 0.82 18.34
C GLY D 187 -13.67 0.37 18.38
N GLY D 188 -14.34 0.47 19.54
CA GLY D 188 -15.68 -0.03 19.69
C GLY D 188 -16.71 0.89 19.07
N PRO D 189 -17.98 0.46 19.10
CA PRO D 189 -19.03 1.17 18.37
C PRO D 189 -19.55 2.42 19.08
N LEU D 190 -19.92 3.39 18.25
CA LEU D 190 -20.81 4.49 18.61
C LEU D 190 -21.98 4.37 17.65
N VAL D 191 -23.14 3.92 18.15
CA VAL D 191 -24.26 3.58 17.29
C VAL D 191 -25.43 4.50 17.60
N THR D 192 -26.35 4.59 16.63
CA THR D 192 -27.56 5.37 16.80
C THR D 192 -28.72 4.62 16.14
N SER D 193 -29.93 4.86 16.64
CA SER D 193 -31.13 4.24 16.12
C SER D 193 -31.91 5.27 15.32
N LYS D 194 -32.28 4.91 14.09
CA LYS D 194 -33.10 5.77 13.26
C LYS D 194 -33.80 4.90 12.23
N ASN D 195 -35.09 5.13 12.06
CA ASN D 195 -35.94 4.29 11.22
C ASN D 195 -35.89 2.84 11.70
N ASN D 196 -35.79 2.67 13.03
CA ASN D 196 -35.77 1.35 13.67
C ASN D 196 -34.61 0.49 13.18
N ILE D 197 -33.50 1.14 12.85
CA ILE D 197 -32.28 0.50 12.40
C ILE D 197 -31.14 1.07 13.21
N TRP D 198 -30.20 0.22 13.63
CA TRP D 198 -29.01 0.66 14.34
C TRP D 198 -27.89 0.89 13.34
N TRP D 199 -27.32 2.09 13.37
CA TRP D 199 -26.31 2.51 12.41
C TRP D 199 -24.99 2.74 13.13
N LEU D 200 -23.89 2.33 12.52
CA LEU D 200 -22.55 2.56 13.05
C LEU D 200 -22.08 3.92 12.57
N ILE D 201 -22.09 4.92 13.45
CA ILE D 201 -21.66 6.25 13.09
C ILE D 201 -20.28 6.62 13.64
N GLY D 202 -19.74 5.86 14.60
CA GLY D 202 -18.42 6.16 15.10
C GLY D 202 -17.68 4.93 15.61
N ASP D 203 -16.36 5.06 15.67
CA ASP D 203 -15.51 4.10 16.36
C ASP D 203 -14.68 4.87 17.39
N THR D 204 -14.65 4.37 18.62
CA THR D 204 -14.00 5.05 19.72
C THR D 204 -12.53 5.32 19.40
N SER D 205 -12.15 6.59 19.39
CA SER D 205 -10.86 7.00 18.88
C SER D 205 -9.93 7.57 19.94
N TRP D 206 -10.31 8.65 20.61
CA TRP D 206 -9.43 9.21 21.63
C TRP D 206 -10.25 10.08 22.58
N GLY D 207 -9.56 10.59 23.59
CA GLY D 207 -10.16 11.43 24.61
C GLY D 207 -9.06 11.90 25.54
N SER D 208 -9.43 12.82 26.42
CA SER D 208 -8.53 13.33 27.46
C SER D 208 -9.18 13.04 28.80
N GLY D 209 -8.61 12.11 29.55
CA GLY D 209 -9.28 11.59 30.73
C GLY D 209 -10.53 10.82 30.31
N CYS D 210 -11.31 10.44 31.31
CA CYS D 210 -12.57 9.75 31.10
C CYS D 210 -13.67 10.45 31.89
N ALA D 211 -14.75 10.82 31.20
CA ALA D 211 -15.95 11.37 31.83
C ALA D 211 -15.67 12.67 32.59
N LYS D 212 -14.65 13.41 32.20
CA LYS D 212 -14.39 14.69 32.81
C LYS D 212 -15.09 15.81 32.04
N ALA D 213 -15.30 16.93 32.73
CA ALA D 213 -16.02 18.06 32.16
C ALA D 213 -15.22 18.69 31.02
N TYR D 214 -15.93 19.09 29.97
CA TYR D 214 -15.37 19.76 28.79
C TYR D 214 -14.31 18.93 28.10
N ARG D 215 -14.32 17.60 28.31
CA ARG D 215 -13.40 16.68 27.64
C ARG D 215 -14.18 15.44 27.21
N PRO D 216 -15.07 15.57 26.23
CA PRO D 216 -15.92 14.45 25.83
C PRO D 216 -15.14 13.44 24.98
N GLY D 217 -15.84 12.37 24.60
CA GLY D 217 -15.24 11.36 23.76
C GLY D 217 -15.19 11.78 22.30
N VAL D 218 -14.12 11.37 21.62
CA VAL D 218 -13.93 11.64 20.20
C VAL D 218 -13.91 10.32 19.45
N TYR D 219 -14.59 10.30 18.30
CA TYR D 219 -14.83 9.09 17.55
C TYR D 219 -14.52 9.33 16.08
N GLY D 220 -14.02 8.30 15.40
CA GLY D 220 -13.84 8.40 13.96
C GLY D 220 -15.17 8.51 13.25
N ASN D 221 -15.25 9.44 12.29
CA ASN D 221 -16.50 9.73 11.58
C ASN D 221 -16.70 8.66 10.50
N VAL D 222 -17.42 7.59 10.86
CA VAL D 222 -17.54 6.44 9.99
C VAL D 222 -18.18 6.82 8.66
N MET D 223 -19.13 7.76 8.67
CA MET D 223 -19.77 8.21 7.44
C MET D 223 -18.75 8.68 6.41
N VAL D 224 -17.72 9.40 6.86
CA VAL D 224 -16.65 9.87 5.97
C VAL D 224 -15.84 8.70 5.41
N PHE D 225 -15.80 7.57 6.12
CA PHE D 225 -14.91 6.47 5.77
C PHE D 225 -15.59 5.38 4.94
N THR D 226 -16.88 5.52 4.62
CA THR D 226 -17.60 4.40 4.00
C THR D 226 -17.10 4.09 2.60
N ASP D 227 -16.75 5.12 1.81
CA ASP D 227 -16.17 4.86 0.50
C ASP D 227 -14.93 3.97 0.61
N TRP D 228 -14.05 4.28 1.56
CA TRP D 228 -12.87 3.45 1.76
C TRP D 228 -13.26 2.04 2.19
N ILE D 229 -14.25 1.91 3.07
CA ILE D 229 -14.66 0.59 3.54
C ILE D 229 -15.20 -0.25 2.39
N TYR D 230 -16.12 0.32 1.60
CA TYR D 230 -16.64 -0.40 0.44
C TYR D 230 -15.52 -0.81 -0.50
N ARG D 231 -14.58 0.10 -0.78
CA ARG D 231 -13.46 -0.23 -1.64
C ARG D 231 -12.68 -1.42 -1.10
N GLN D 232 -12.42 -1.45 0.21
CA GLN D 232 -11.68 -2.57 0.78
C GLN D 232 -12.44 -3.88 0.63
N MET D 233 -13.74 -3.88 0.94
CA MET D 233 -14.51 -5.11 0.83
C MET D 233 -14.64 -5.55 -0.63
N ARG D 234 -14.81 -4.58 -1.52
CA ARG D 234 -14.91 -4.88 -2.95
C ARG D 234 -13.61 -5.49 -3.47
N ALA D 235 -12.48 -4.86 -3.17
CA ALA D 235 -11.19 -5.37 -3.63
C ALA D 235 -10.90 -6.76 -3.08
N ASP D 236 -11.37 -7.05 -1.86
CA ASP D 236 -11.12 -8.36 -1.29
C ASP D 236 -11.95 -9.43 -2.00
N GLY D 237 -13.18 -9.08 -2.39
CA GLY D 237 -14.09 -10.07 -2.94
C GLY D 237 -13.70 -10.59 -4.30
N GLU D 238 -13.12 -9.73 -5.14
CA GLU D 238 -12.70 -10.15 -6.48
C GLU D 238 -11.52 -9.30 -6.96
N VAL E 2 9.61 19.77 -28.31
CA VAL E 2 8.84 20.97 -28.04
C VAL E 2 9.68 21.96 -27.23
N GLN E 3 9.52 23.25 -27.51
CA GLN E 3 10.23 24.30 -26.80
C GLN E 3 9.25 25.05 -25.91
N LEU E 4 9.65 25.29 -24.67
CA LEU E 4 8.78 25.87 -23.65
C LEU E 4 9.43 27.11 -23.06
N GLN E 5 8.60 28.11 -22.77
CA GLN E 5 9.06 29.38 -22.22
C GLN E 5 8.09 29.82 -21.13
N ALA E 6 8.55 29.76 -19.88
CA ALA E 6 7.76 30.18 -18.74
C ALA E 6 7.95 31.66 -18.45
N SER E 7 6.89 32.30 -18.00
CA SER E 7 6.91 33.73 -17.71
C SER E 7 5.81 34.05 -16.73
N GLY E 8 5.80 35.30 -16.25
CA GLY E 8 4.78 35.79 -15.36
C GLY E 8 5.18 35.83 -13.90
N GLY E 9 6.40 35.42 -13.56
CA GLY E 9 6.86 35.47 -12.20
C GLY E 9 7.13 36.89 -11.72
N GLY E 10 7.53 36.99 -10.46
CA GLY E 10 7.82 38.28 -9.88
C GLY E 10 7.94 38.18 -8.38
N PHE E 11 7.93 39.35 -7.74
CA PHE E 11 8.00 39.46 -6.29
C PHE E 11 6.62 39.87 -5.80
N VAL E 12 6.10 39.13 -4.81
CA VAL E 12 4.77 39.38 -4.27
C VAL E 12 4.82 39.25 -2.76
N GLN E 13 3.81 39.81 -2.09
CA GLN E 13 3.70 39.70 -0.66
C GLN E 13 2.98 38.42 -0.28
N PRO E 14 3.19 37.94 0.95
CA PRO E 14 2.45 36.77 1.42
C PRO E 14 0.94 37.01 1.35
N GLY E 15 0.22 36.01 0.87
CA GLY E 15 -1.19 36.12 0.61
C GLY E 15 -1.53 36.65 -0.76
N GLY E 16 -0.56 37.17 -1.48
CA GLY E 16 -0.77 37.70 -2.81
C GLY E 16 -0.99 36.61 -3.83
N SER E 17 -1.04 37.03 -5.09
CA SER E 17 -1.35 36.12 -6.18
C SER E 17 -0.44 36.38 -7.37
N LEU E 18 -0.22 35.33 -8.16
CA LEU E 18 0.53 35.40 -9.40
C LEU E 18 -0.10 34.45 -10.41
N ARG E 19 0.15 34.73 -11.68
CA ARG E 19 -0.31 33.89 -12.78
C ARG E 19 0.87 33.65 -13.71
N LEU E 20 1.27 32.39 -13.83
CA LEU E 20 2.36 32.04 -14.73
C LEU E 20 1.81 31.52 -16.05
N SER E 21 2.59 31.74 -17.10
CA SER E 21 2.25 31.30 -18.45
C SER E 21 3.37 30.39 -18.94
N CYS E 22 2.99 29.42 -19.77
CA CYS E 22 3.94 28.49 -20.39
C CYS E 22 3.63 28.47 -21.88
N ALA E 23 4.41 29.20 -22.66
CA ALA E 23 4.26 29.21 -24.09
C ALA E 23 4.99 28.01 -24.68
N ALA E 24 4.28 27.22 -25.46
CA ALA E 24 4.84 26.03 -26.10
C ALA E 24 4.85 26.21 -27.61
N SER E 25 5.95 25.80 -28.23
CA SER E 25 6.07 25.77 -29.68
C SER E 25 6.57 24.39 -30.08
N GLY E 26 5.86 23.76 -31.00
CA GLY E 26 6.15 22.42 -31.44
C GLY E 26 4.86 21.67 -31.65
N LYS E 27 4.98 20.36 -31.91
CA LYS E 27 3.79 19.57 -32.21
C LYS E 27 2.91 19.44 -30.98
N VAL E 28 1.61 19.71 -31.15
CA VAL E 28 0.68 19.60 -30.04
C VAL E 28 0.52 18.15 -29.59
N VAL E 29 0.78 17.19 -30.48
CA VAL E 29 0.67 15.79 -30.12
C VAL E 29 1.71 15.37 -29.09
N GLU E 30 2.67 16.24 -28.78
CA GLU E 30 3.66 15.99 -27.75
C GLU E 30 3.39 16.76 -26.47
N GLN E 31 2.27 17.48 -26.39
CA GLN E 31 1.91 18.27 -25.22
C GLN E 31 0.65 17.73 -24.54
N GLY E 32 0.40 16.43 -24.68
CA GLY E 32 -0.77 15.82 -24.07
C GLY E 32 -0.79 15.89 -22.56
N LEU E 33 0.38 16.01 -21.93
CA LEU E 33 0.47 16.23 -20.50
C LEU E 33 1.55 17.27 -20.25
N MET E 34 1.15 18.42 -19.70
CA MET E 34 2.07 19.50 -19.37
C MET E 34 2.13 19.67 -17.87
N GLY E 35 3.33 19.97 -17.35
CA GLY E 35 3.50 20.09 -15.93
C GLY E 35 4.30 21.32 -15.55
N TRP E 36 4.11 21.74 -14.31
CA TRP E 36 4.93 22.77 -13.67
C TRP E 36 5.69 22.13 -12.52
N PHE E 37 6.97 22.47 -12.40
CA PHE E 37 7.73 22.13 -11.21
C PHE E 37 8.54 23.36 -10.80
N ARG E 38 9.04 23.33 -9.57
CA ARG E 38 9.74 24.48 -9.00
C ARG E 38 10.98 24.01 -8.27
N GLN E 39 11.92 24.94 -8.09
CA GLN E 39 13.14 24.63 -7.34
C GLN E 39 13.62 25.88 -6.63
N ALA E 40 13.77 25.78 -5.31
CA ALA E 40 14.37 26.73 -4.39
C ALA E 40 15.88 26.47 -4.26
N PRO E 41 16.67 27.50 -3.97
CA PRO E 41 18.11 27.30 -3.84
C PRO E 41 18.45 26.26 -2.78
N GLY E 42 19.34 25.33 -3.14
CA GLY E 42 19.76 24.28 -2.24
C GLY E 42 18.78 23.15 -2.02
N LYS E 43 17.55 23.27 -2.52
CA LYS E 43 16.54 22.24 -2.31
C LYS E 43 16.30 21.46 -3.59
N GLU E 44 15.80 20.25 -3.42
CA GLU E 44 15.51 19.41 -4.60
C GLU E 44 14.30 19.99 -5.32
N ARG E 45 14.26 19.81 -6.64
CA ARG E 45 13.13 20.30 -7.40
C ARG E 45 11.86 19.55 -6.98
N GLU E 46 10.74 20.27 -7.01
CA GLU E 46 9.47 19.76 -6.54
C GLU E 46 8.43 19.90 -7.63
N PHE E 47 7.76 18.79 -7.95
CA PHE E 47 6.66 18.85 -8.90
C PHE E 47 5.48 19.59 -8.26
N VAL E 48 4.81 20.41 -9.07
CA VAL E 48 3.75 21.30 -8.58
C VAL E 48 2.39 20.91 -9.15
N SER E 49 2.27 20.85 -10.47
CA SER E 49 0.95 20.67 -11.07
C SER E 49 1.11 20.13 -12.49
N ALA E 50 0.05 19.49 -12.98
CA ALA E 50 0.05 18.98 -14.34
C ALA E 50 -1.38 19.02 -14.88
N ILE E 51 -1.51 19.06 -16.19
CA ILE E 51 -2.82 19.11 -16.83
C ILE E 51 -2.78 18.38 -18.15
N GLN E 52 -3.85 17.65 -18.44
CA GLN E 52 -4.01 16.96 -19.71
C GLN E 52 -4.43 17.96 -20.79
N TYR E 53 -4.08 17.65 -22.04
CA TYR E 53 -4.32 18.59 -23.13
C TYR E 53 -5.81 18.92 -23.27
N ASP E 54 -6.67 17.91 -23.13
CA ASP E 54 -8.11 18.12 -23.21
C ASP E 54 -8.69 18.70 -21.93
N THR E 55 -7.86 18.97 -20.93
CA THR E 55 -8.23 19.53 -19.61
C THR E 55 -9.19 18.63 -18.84
N LYS E 56 -9.35 17.37 -19.23
CA LYS E 56 -10.21 16.43 -18.52
C LYS E 56 -9.53 15.82 -17.31
N LEU E 57 -8.26 16.14 -17.07
CA LEU E 57 -7.50 15.61 -15.96
C LEU E 57 -6.44 16.63 -15.57
N GLU E 58 -6.37 16.91 -14.27
CA GLU E 58 -5.37 17.80 -13.71
C GLU E 58 -4.77 17.16 -12.46
N TYR E 59 -3.61 17.65 -12.06
CA TYR E 59 -2.93 17.14 -10.88
C TYR E 59 -2.36 18.29 -10.07
N TYR E 60 -2.36 18.14 -8.75
CA TYR E 60 -1.75 19.11 -7.85
C TYR E 60 -1.00 18.37 -6.76
N ALA E 61 0.20 18.86 -6.45
CA ALA E 61 0.91 18.37 -5.28
C ALA E 61 0.16 18.79 -4.01
N ASP E 62 0.38 18.01 -2.94
CA ASP E 62 -0.28 18.31 -1.67
C ASP E 62 0.06 19.70 -1.17
N SER E 63 1.29 20.16 -1.41
CA SER E 63 1.74 21.42 -0.85
C SER E 63 1.05 22.62 -1.49
N VAL E 64 0.48 22.48 -2.69
CA VAL E 64 -0.18 23.59 -3.37
C VAL E 64 -1.66 23.33 -3.64
N LYS E 65 -2.17 22.16 -3.27
CA LYS E 65 -3.56 21.85 -3.58
C LYS E 65 -4.50 22.81 -2.87
N GLY E 66 -5.52 23.27 -3.60
CA GLY E 66 -6.46 24.23 -3.08
C GLY E 66 -6.06 25.68 -3.30
N ARG E 67 -4.76 25.95 -3.45
CA ARG E 67 -4.28 27.31 -3.68
C ARG E 67 -3.89 27.58 -5.13
N PHE E 68 -3.43 26.57 -5.87
CA PHE E 68 -3.04 26.73 -7.25
C PHE E 68 -4.10 26.15 -8.16
N THR E 69 -4.20 26.69 -9.38
CA THR E 69 -5.11 26.20 -10.38
C THR E 69 -4.41 26.20 -11.72
N ILE E 70 -4.36 25.04 -12.37
CA ILE E 70 -3.72 24.90 -13.67
C ILE E 70 -4.81 24.86 -14.74
N SER E 71 -4.52 25.47 -15.90
CA SER E 71 -5.51 25.55 -16.97
C SER E 71 -4.78 25.65 -18.30
N ARG E 72 -5.56 25.58 -19.39
CA ARG E 72 -5.02 25.61 -20.73
C ARG E 72 -5.89 26.50 -21.61
N ASP E 73 -5.25 27.10 -22.62
CA ASP E 73 -5.94 27.75 -23.73
C ASP E 73 -5.34 27.13 -24.99
N ASN E 74 -6.10 26.24 -25.63
CA ASN E 74 -5.57 25.47 -26.75
C ASN E 74 -5.51 26.27 -28.05
N SER E 75 -6.27 27.36 -28.17
CA SER E 75 -6.11 28.20 -29.35
C SER E 75 -4.77 28.92 -29.34
N LYS E 76 -4.11 28.99 -28.18
CA LYS E 76 -2.80 29.62 -28.06
C LYS E 76 -1.70 28.65 -27.65
N ASN E 77 -2.02 27.40 -27.32
CA ASN E 77 -1.06 26.43 -26.80
C ASN E 77 -0.30 27.00 -25.61
N THR E 78 -1.06 27.54 -24.66
CA THR E 78 -0.50 28.18 -23.48
C THR E 78 -1.08 27.51 -22.24
N VAL E 79 -0.21 27.16 -21.29
CA VAL E 79 -0.61 26.60 -20.01
C VAL E 79 -0.43 27.66 -18.94
N TYR E 80 -1.45 27.84 -18.11
CA TYR E 80 -1.43 28.83 -17.04
C TYR E 80 -1.37 28.15 -15.68
N LEU E 81 -0.74 28.84 -14.72
CA LEU E 81 -0.69 28.41 -13.33
C LEU E 81 -1.11 29.59 -12.46
N GLN E 82 -2.37 29.58 -12.00
CA GLN E 82 -2.88 30.62 -11.11
C GLN E 82 -2.49 30.28 -9.68
N MET E 83 -1.65 31.10 -9.06
CA MET E 83 -1.13 30.82 -7.72
C MET E 83 -1.72 31.84 -6.75
N ASN E 84 -2.60 31.38 -5.85
CA ASN E 84 -3.21 32.22 -4.83
C ASN E 84 -2.72 31.82 -3.45
N SER E 85 -2.91 32.74 -2.50
CA SER E 85 -2.54 32.53 -1.09
C SER E 85 -1.08 32.10 -0.95
N LEU E 86 -0.21 32.81 -1.66
CA LEU E 86 1.21 32.44 -1.70
C LEU E 86 1.86 32.63 -0.33
N ARG E 87 2.75 31.70 0.01
CA ARG E 87 3.54 31.75 1.24
C ARG E 87 5.02 31.82 0.87
N ALA E 88 5.84 32.14 1.88
CA ALA E 88 7.28 32.24 1.67
C ALA E 88 7.87 30.92 1.20
N GLU E 89 7.31 29.80 1.64
CA GLU E 89 7.79 28.48 1.22
C GLU E 89 7.56 28.22 -0.27
N ASP E 90 6.80 29.08 -0.95
CA ASP E 90 6.58 28.95 -2.38
C ASP E 90 7.68 29.62 -3.21
N THR E 91 8.62 30.31 -2.57
CA THR E 91 9.68 31.00 -3.28
C THR E 91 10.57 29.98 -3.99
N ALA E 92 10.72 30.13 -5.30
CA ALA E 92 11.50 29.21 -6.14
C ALA E 92 11.45 29.75 -7.56
N THR E 93 12.25 29.12 -8.43
CA THR E 93 12.09 29.30 -9.86
C THR E 93 11.11 28.26 -10.39
N TYR E 94 10.12 28.71 -11.14
CA TYR E 94 9.08 27.82 -11.64
C TYR E 94 9.32 27.52 -13.10
N TYR E 95 9.25 26.25 -13.47
CA TYR E 95 9.47 25.79 -14.83
C TYR E 95 8.26 24.97 -15.28
N CYS E 96 8.05 24.92 -16.60
CA CYS E 96 7.09 24.01 -17.18
C CYS E 96 7.81 23.01 -18.07
N ALA E 97 7.23 21.81 -18.18
CA ALA E 97 7.91 20.72 -18.84
C ALA E 97 6.90 19.65 -19.27
N THR E 98 7.34 18.80 -20.17
CA THR E 98 6.66 17.58 -20.58
C THR E 98 7.24 16.38 -19.84
N PRO E 99 6.51 15.26 -19.79
CA PRO E 99 7.07 14.08 -19.10
C PRO E 99 8.41 13.65 -19.65
N GLN E 100 8.58 13.66 -20.97
N GLN E 100 8.58 13.69 -20.97
CA GLN E 100 9.87 13.36 -21.58
CA GLN E 100 9.85 13.33 -21.58
C GLN E 100 10.98 14.22 -20.99
C GLN E 100 10.98 14.26 -21.12
N MET E 101 10.66 15.44 -20.59
CA MET E 101 11.66 16.33 -20.01
C MET E 101 11.82 16.11 -18.52
N TRP E 102 10.74 16.00 -17.76
CA TRP E 102 10.84 15.98 -16.27
C TRP E 102 11.24 14.63 -15.70
N VAL E 103 11.10 13.56 -16.47
CA VAL E 103 11.61 12.26 -16.04
C VAL E 103 13.06 12.18 -16.48
N GLN E 104 13.99 12.26 -15.53
CA GLN E 104 15.41 12.44 -15.81
C GLN E 104 16.25 11.30 -15.29
N ARG E 105 17.05 10.71 -16.18
CA ARG E 105 18.08 9.77 -15.74
C ARG E 105 19.10 10.46 -14.85
N ASP E 106 19.45 11.70 -15.18
CA ASP E 106 20.36 12.53 -14.39
C ASP E 106 19.51 13.50 -13.59
N ARG E 107 19.33 13.21 -12.30
CA ARG E 107 18.41 14.01 -11.48
C ARG E 107 18.87 15.45 -11.34
N ASP E 108 20.17 15.71 -11.43
CA ASP E 108 20.71 17.06 -11.26
C ASP E 108 20.97 17.76 -12.58
N ASP E 109 20.57 17.16 -13.71
CA ASP E 109 20.71 17.83 -14.99
C ASP E 109 19.85 19.09 -15.02
N ARG E 110 20.29 20.10 -15.77
CA ARG E 110 19.66 21.41 -15.71
C ARG E 110 19.30 21.95 -17.09
N TRP E 111 19.11 21.09 -18.07
CA TRP E 111 18.53 21.55 -19.33
C TRP E 111 17.02 21.67 -19.25
N TYR E 112 16.52 22.13 -18.09
CA TYR E 112 15.09 22.31 -17.87
C TYR E 112 14.77 23.77 -17.51
N GLN E 115 14.07 27.32 -19.81
CA GLN E 115 14.35 28.38 -18.81
C GLN E 115 13.02 28.77 -18.14
N GLY E 116 13.08 29.06 -16.85
CA GLY E 116 11.84 29.33 -16.13
C GLY E 116 11.69 30.77 -15.70
N THR E 117 10.83 30.99 -14.73
CA THR E 117 10.51 32.33 -14.26
C THR E 117 10.63 32.37 -12.75
N GLN E 118 11.27 33.42 -12.24
CA GLN E 118 11.54 33.51 -10.81
C GLN E 118 10.32 34.06 -10.07
N VAL E 119 9.99 33.42 -8.95
CA VAL E 119 8.90 33.84 -8.09
C VAL E 119 9.45 33.95 -6.67
N THR E 120 9.29 35.13 -6.07
CA THR E 120 9.77 35.42 -4.73
C THR E 120 8.61 35.93 -3.89
N VAL E 121 8.43 35.34 -2.71
CA VAL E 121 7.40 35.73 -1.77
C VAL E 121 8.11 36.14 -0.49
N SER E 122 8.03 37.42 -0.13
CA SER E 122 8.72 37.95 1.03
C SER E 122 8.14 39.33 1.35
N SER E 123 8.16 39.66 2.64
CA SER E 123 7.61 40.94 3.10
C SER E 123 8.71 41.99 3.23
N VAL F 2 -1.36 -7.60 35.16
CA VAL F 2 0.07 -7.78 35.32
C VAL F 2 0.74 -6.47 35.77
N GLN F 3 1.75 -6.60 36.63
CA GLN F 3 2.54 -5.48 37.11
C GLN F 3 3.93 -5.56 36.49
N LEU F 4 4.44 -4.43 36.04
CA LEU F 4 5.70 -4.38 35.30
C LEU F 4 6.67 -3.43 35.98
N GLN F 5 7.95 -3.79 35.93
CA GLN F 5 9.02 -3.00 36.57
C GLN F 5 10.21 -2.95 35.64
N ALA F 6 10.56 -1.76 35.17
CA ALA F 6 11.70 -1.56 34.28
C ALA F 6 12.91 -1.07 35.05
N SER F 7 14.10 -1.51 34.64
CA SER F 7 15.33 -1.16 35.31
C SER F 7 16.49 -1.39 34.35
N GLY F 8 17.68 -0.98 34.77
CA GLY F 8 18.88 -1.21 34.00
C GLY F 8 19.39 -0.01 33.21
N GLY F 9 18.73 1.13 33.28
CA GLY F 9 19.20 2.29 32.57
C GLY F 9 20.47 2.85 33.19
N GLY F 10 20.99 3.90 32.57
CA GLY F 10 22.20 4.52 33.06
C GLY F 10 22.76 5.51 32.07
N PHE F 11 23.99 5.94 32.34
CA PHE F 11 24.71 6.90 31.52
C PHE F 11 25.84 6.19 30.77
N VAL F 12 25.89 6.38 29.45
CA VAL F 12 26.91 5.76 28.62
C VAL F 12 27.39 6.76 27.58
N GLN F 13 28.57 6.48 27.03
CA GLN F 13 29.17 7.22 25.93
C GLN F 13 28.66 6.67 24.61
N PRO F 14 28.79 7.43 23.52
CA PRO F 14 28.39 6.90 22.21
C PRO F 14 29.11 5.60 21.90
N GLY F 15 28.35 4.64 21.37
CA GLY F 15 28.88 3.32 21.10
C GLY F 15 28.80 2.35 22.25
N GLY F 16 28.45 2.83 23.44
CA GLY F 16 28.38 1.96 24.60
C GLY F 16 27.18 1.04 24.55
N SER F 17 26.99 0.32 25.67
CA SER F 17 25.95 -0.69 25.74
C SER F 17 25.24 -0.60 27.08
N LEU F 18 23.98 -1.00 27.06
CA LEU F 18 23.17 -1.10 28.26
C LEU F 18 22.24 -2.30 28.10
N ARG F 19 21.80 -2.86 29.21
CA ARG F 19 20.85 -3.95 29.19
C ARG F 19 19.74 -3.62 30.16
N LEU F 20 18.53 -3.46 29.63
CA LEU F 20 17.35 -3.16 30.43
C LEU F 20 16.61 -4.45 30.74
N SER F 21 15.95 -4.45 31.90
CA SER F 21 15.15 -5.58 32.34
C SER F 21 13.72 -5.14 32.58
N CYS F 22 12.79 -6.05 32.34
CA CYS F 22 11.38 -5.84 32.60
C CYS F 22 10.92 -7.02 33.43
N ALA F 23 10.82 -6.80 34.74
CA ALA F 23 10.33 -7.83 35.64
C ALA F 23 8.80 -7.81 35.64
N ALA F 24 8.20 -8.97 35.40
CA ALA F 24 6.75 -9.09 35.35
C ALA F 24 6.28 -9.96 36.51
N SER F 25 5.19 -9.53 37.14
CA SER F 25 4.50 -10.31 38.17
C SER F 25 3.02 -10.35 37.82
N GLY F 26 2.46 -11.54 37.76
CA GLY F 26 1.09 -11.71 37.37
C GLY F 26 0.94 -12.93 36.50
N LYS F 27 -0.24 -13.07 35.92
CA LYS F 27 -0.55 -14.25 35.12
C LYS F 27 0.29 -14.24 33.84
N VAL F 28 0.98 -15.35 33.57
CA VAL F 28 1.82 -15.45 32.39
C VAL F 28 0.99 -15.50 31.11
N VAL F 29 -0.28 -15.92 31.20
CA VAL F 29 -1.14 -15.95 30.03
C VAL F 29 -1.44 -14.55 29.50
N GLU F 30 -1.07 -13.51 30.23
CA GLU F 30 -1.26 -12.13 29.81
C GLU F 30 0.01 -11.48 29.30
N GLN F 31 1.09 -12.25 29.17
CA GLN F 31 2.39 -11.76 28.72
C GLN F 31 2.77 -12.39 27.39
N GLY F 32 1.77 -12.74 26.58
CA GLY F 32 2.07 -13.35 25.29
C GLY F 32 2.81 -12.43 24.35
N LEU F 33 2.65 -11.12 24.52
CA LEU F 33 3.43 -10.14 23.76
C LEU F 33 3.87 -9.05 24.71
N MET F 34 5.18 -8.92 24.90
CA MET F 34 5.76 -7.89 25.75
C MET F 34 6.53 -6.92 24.88
N GLY F 35 6.44 -5.63 25.21
CA GLY F 35 7.05 -4.61 24.38
C GLY F 35 7.83 -3.59 25.21
N TRP F 36 8.76 -2.94 24.52
CA TRP F 36 9.48 -1.79 25.05
C TRP F 36 9.12 -0.55 24.21
N PHE F 37 8.87 0.56 24.90
CA PHE F 37 8.79 1.85 24.23
C PHE F 37 9.57 2.87 25.05
N ARG F 38 9.84 4.01 24.42
CA ARG F 38 10.66 5.04 25.03
C ARG F 38 10.03 6.40 24.75
N GLN F 39 10.42 7.37 25.57
CA GLN F 39 9.94 8.74 25.37
C GLN F 39 11.04 9.69 25.82
N ALA F 40 11.44 10.54 24.94
CA ALA F 40 12.35 11.62 25.29
C ALA F 40 11.56 12.82 25.79
N PRO F 41 12.16 13.65 26.65
CA PRO F 41 11.43 14.80 27.21
C PRO F 41 10.86 15.68 26.10
N GLY F 42 9.58 16.03 26.26
CA GLY F 42 8.88 16.87 25.30
C GLY F 42 8.48 16.18 24.01
N LYS F 43 8.93 14.95 23.80
CA LYS F 43 8.66 14.28 22.50
C LYS F 43 7.64 13.15 22.66
N GLU F 44 7.15 12.67 21.54
CA GLU F 44 6.09 11.65 21.56
C GLU F 44 6.67 10.27 21.85
N ARG F 45 5.82 9.40 22.38
CA ARG F 45 6.22 8.03 22.66
C ARG F 45 6.60 7.31 21.39
N GLU F 46 7.61 6.44 21.48
CA GLU F 46 8.09 5.68 20.34
C GLU F 46 8.19 4.22 20.73
N PHE F 47 7.53 3.36 19.97
CA PHE F 47 7.70 1.93 20.18
C PHE F 47 9.08 1.51 19.73
N VAL F 48 9.68 0.59 20.48
CA VAL F 48 11.06 0.17 20.28
C VAL F 48 11.14 -1.29 19.84
N SER F 49 10.56 -2.19 20.62
CA SER F 49 10.76 -3.62 20.38
C SER F 49 9.66 -4.40 21.07
N ALA F 50 9.41 -5.61 20.59
CA ALA F 50 8.45 -6.50 21.21
C ALA F 50 8.89 -7.94 20.99
N ILE F 51 8.39 -8.83 21.84
CA ILE F 51 8.76 -10.23 21.74
C ILE F 51 7.57 -11.09 22.14
N GLN F 52 7.35 -12.15 21.39
CA GLN F 52 6.33 -13.13 21.71
C GLN F 52 6.82 -14.05 22.82
N TYR F 53 5.88 -14.58 23.61
CA TYR F 53 6.28 -15.34 24.80
C TYR F 53 7.14 -16.54 24.44
N ASP F 54 6.78 -17.26 23.37
CA ASP F 54 7.60 -18.40 22.95
C ASP F 54 8.88 -17.98 22.23
N THR F 55 9.14 -16.67 22.13
CA THR F 55 10.30 -16.07 21.47
C THR F 55 10.40 -16.44 20.00
N LYS F 56 9.36 -16.98 19.39
CA LYS F 56 9.43 -17.28 17.97
C LYS F 56 9.11 -16.09 17.09
N LEU F 57 8.87 -14.92 17.69
CA LEU F 57 8.56 -13.74 16.90
C LEU F 57 9.08 -12.53 17.67
N GLU F 58 9.81 -11.65 16.99
CA GLU F 58 10.33 -10.43 17.58
C GLU F 58 10.01 -9.24 16.67
N TYR F 59 10.05 -8.05 17.25
CA TYR F 59 9.83 -6.84 16.48
C TYR F 59 10.83 -5.77 16.91
N TYR F 60 11.27 -4.97 15.94
CA TYR F 60 12.13 -3.83 16.19
C TYR F 60 11.71 -2.65 15.34
N ALA F 61 11.71 -1.46 15.93
CA ALA F 61 11.53 -0.26 15.13
C ALA F 61 12.74 -0.08 14.21
N ASP F 62 12.52 0.61 13.09
CA ASP F 62 13.61 0.83 12.13
C ASP F 62 14.79 1.53 12.79
N SER F 63 14.52 2.43 13.73
CA SER F 63 15.57 3.25 14.33
C SER F 63 16.51 2.45 15.22
N VAL F 64 16.10 1.28 15.72
CA VAL F 64 16.93 0.48 16.61
C VAL F 64 17.27 -0.88 16.02
N LYS F 65 16.79 -1.19 14.83
CA LYS F 65 17.01 -2.50 14.23
C LYS F 65 18.49 -2.71 13.97
N GLY F 66 18.98 -3.92 14.29
CA GLY F 66 20.37 -4.24 14.13
C GLY F 66 21.23 -3.90 15.32
N ARG F 67 20.82 -2.93 16.13
CA ARG F 67 21.57 -2.52 17.32
C ARG F 67 20.98 -3.03 18.62
N PHE F 68 19.67 -3.25 18.69
CA PHE F 68 19.01 -3.76 19.89
C PHE F 68 18.62 -5.22 19.68
N THR F 69 18.55 -5.96 20.79
CA THR F 69 18.13 -7.35 20.78
C THR F 69 17.24 -7.60 21.99
N ILE F 70 16.02 -8.09 21.75
CA ILE F 70 15.08 -8.38 22.82
C ILE F 70 15.07 -9.89 23.06
N SER F 71 14.94 -10.28 24.33
CA SER F 71 14.98 -11.68 24.71
C SER F 71 14.17 -11.89 25.98
N ARG F 72 13.99 -13.15 26.37
CA ARG F 72 13.18 -13.52 27.51
C ARG F 72 13.88 -14.57 28.35
N ASP F 73 13.60 -14.54 29.64
CA ASP F 73 13.95 -15.61 30.58
C ASP F 73 12.67 -15.95 31.33
N ASN F 74 12.05 -17.08 30.99
CA ASN F 74 10.74 -17.41 31.54
C ASN F 74 10.83 -17.88 32.98
N SER F 75 11.98 -18.38 33.42
CA SER F 75 12.14 -18.78 34.80
C SER F 75 12.18 -17.59 35.74
N LYS F 76 12.42 -16.38 35.23
CA LYS F 76 12.47 -15.18 36.03
C LYS F 76 11.36 -14.19 35.68
N ASN F 77 10.51 -14.52 34.70
CA ASN F 77 9.46 -13.62 34.22
C ASN F 77 10.05 -12.27 33.81
N THR F 78 11.16 -12.30 33.08
CA THR F 78 11.91 -11.10 32.74
C THR F 78 12.15 -10.99 31.24
N VAL F 79 11.89 -9.81 30.70
CA VAL F 79 12.21 -9.47 29.32
C VAL F 79 13.43 -8.55 29.34
N TYR F 80 14.41 -8.85 28.50
CA TYR F 80 15.63 -8.06 28.40
C TYR F 80 15.65 -7.29 27.09
N LEU F 81 16.29 -6.13 27.12
CA LEU F 81 16.53 -5.34 25.92
C LEU F 81 18.02 -5.01 25.92
N GLN F 82 18.78 -5.75 25.12
CA GLN F 82 20.21 -5.53 24.96
C GLN F 82 20.42 -4.42 23.93
N MET F 83 20.93 -3.28 24.38
CA MET F 83 21.06 -2.10 23.54
C MET F 83 22.55 -1.90 23.27
N ASN F 84 22.97 -2.11 22.03
CA ASN F 84 24.35 -1.90 21.62
C ASN F 84 24.45 -0.72 20.65
N SER F 85 25.66 -0.20 20.50
CA SER F 85 25.93 0.91 19.58
C SER F 85 24.99 2.09 19.85
N LEU F 86 24.88 2.47 21.11
CA LEU F 86 23.94 3.52 21.50
C LEU F 86 24.36 4.86 20.92
N ARG F 87 23.36 5.65 20.52
CA ARG F 87 23.57 6.99 19.99
C ARG F 87 22.88 7.99 20.91
N ALA F 88 23.23 9.26 20.74
CA ALA F 88 22.61 10.29 21.55
C ALA F 88 21.10 10.33 21.34
N GLU F 89 20.65 10.03 20.12
CA GLU F 89 19.23 9.98 19.80
C GLU F 89 18.48 8.88 20.53
N ASP F 90 19.18 7.95 21.19
CA ASP F 90 18.56 6.91 21.99
C ASP F 90 18.23 7.37 23.41
N THR F 91 18.63 8.59 23.77
CA THR F 91 18.36 9.10 25.11
C THR F 91 16.86 9.25 25.33
N ALA F 92 16.36 8.63 26.39
CA ALA F 92 14.94 8.67 26.73
C ALA F 92 14.72 7.89 28.01
N THR F 93 13.50 7.97 28.53
CA THR F 93 13.03 7.05 29.54
C THR F 93 12.37 5.86 28.84
N TYR F 94 12.80 4.66 29.23
CA TYR F 94 12.34 3.42 28.60
C TYR F 94 11.34 2.72 29.50
N TYR F 95 10.23 2.28 28.90
CA TYR F 95 9.18 1.56 29.60
C TYR F 95 8.92 0.23 28.91
N CYS F 96 8.42 -0.73 29.68
CA CYS F 96 7.93 -1.97 29.11
C CYS F 96 6.42 -2.05 29.37
N ALA F 97 5.72 -2.73 28.46
CA ALA F 97 4.26 -2.71 28.52
C ALA F 97 3.71 -3.91 27.75
N THR F 98 2.46 -4.22 28.04
CA THR F 98 1.66 -5.16 27.30
C THR F 98 0.77 -4.43 26.32
N PRO F 99 0.24 -5.10 25.29
CA PRO F 99 -0.63 -4.40 24.34
C PRO F 99 -1.82 -3.73 25.00
N GLN F 100 -2.47 -4.41 25.95
N GLN F 100 -2.45 -4.40 25.97
CA GLN F 100 -3.58 -3.81 26.69
CA GLN F 100 -3.58 -3.81 26.68
C GLN F 100 -3.17 -2.48 27.32
C GLN F 100 -3.19 -2.55 27.43
N MET F 101 -1.90 -2.33 27.66
CA MET F 101 -1.40 -1.09 28.25
C MET F 101 -0.98 -0.05 27.21
N TRP F 102 -0.27 -0.45 26.15
CA TRP F 102 0.33 0.54 25.27
C TRP F 102 -0.61 1.03 24.17
N VAL F 103 -1.75 0.34 23.97
CA VAL F 103 -2.81 0.86 23.10
C VAL F 103 -3.73 1.69 23.98
N GLN F 104 -3.68 3.01 23.81
CA GLN F 104 -4.29 3.97 24.73
C GLN F 104 -5.34 4.81 24.02
N ARG F 105 -6.55 4.84 24.59
CA ARG F 105 -7.55 5.80 24.13
C ARG F 105 -7.08 7.23 24.39
N ASP F 106 -6.43 7.46 25.53
CA ASP F 106 -5.86 8.77 25.86
C ASP F 106 -4.36 8.70 25.55
N ARG F 107 -3.96 9.29 24.42
CA ARG F 107 -2.56 9.18 23.99
C ARG F 107 -1.62 9.85 24.98
N ASP F 108 -2.09 10.83 25.74
CA ASP F 108 -1.23 11.58 26.65
C ASP F 108 -1.31 11.08 28.08
N ASP F 109 -2.06 10.02 28.34
CA ASP F 109 -2.09 9.44 29.67
C ASP F 109 -0.74 8.79 29.96
N ARG F 110 -0.34 8.86 31.24
CA ARG F 110 0.96 8.36 31.66
C ARG F 110 0.85 7.52 32.92
N TRP F 111 -0.34 6.99 33.20
CA TRP F 111 -0.53 6.02 34.28
C TRP F 111 -0.15 4.64 33.76
N TYR F 112 1.12 4.54 33.36
CA TYR F 112 1.64 3.38 32.62
C TYR F 112 1.47 2.08 33.38
N GLN F 115 6.43 2.43 35.89
CA GLN F 115 7.60 3.28 36.03
C GLN F 115 8.75 2.77 35.16
N GLY F 116 9.41 3.70 34.47
CA GLY F 116 10.47 3.38 33.54
C GLY F 116 11.85 3.56 34.13
N THR F 117 12.85 3.44 33.25
CA THR F 117 14.25 3.58 33.62
C THR F 117 14.89 4.59 32.68
N GLN F 118 15.70 5.48 33.25
CA GLN F 118 16.30 6.56 32.49
C GLN F 118 17.50 6.02 31.72
N VAL F 119 17.61 6.39 30.44
CA VAL F 119 18.74 6.01 29.61
C VAL F 119 19.27 7.29 28.98
N THR F 120 20.55 7.59 29.20
CA THR F 120 21.18 8.78 28.66
C THR F 120 22.45 8.39 27.91
N VAL F 121 22.58 8.89 26.69
CA VAL F 121 23.74 8.62 25.84
C VAL F 121 24.41 9.94 25.49
N SER F 122 25.67 10.10 25.92
CA SER F 122 26.43 11.31 25.69
C SER F 122 26.61 11.58 24.19
N SER F 123 26.95 12.83 23.87
CA SER F 123 27.23 13.24 22.50
C SER F 123 28.72 13.12 22.20
#